data_9NKE
#
_entry.id   9NKE
#
_cell.length_a   99.309
_cell.length_b   103.575
_cell.length_c   105.842
_cell.angle_alpha   90.000
_cell.angle_beta   90.000
_cell.angle_gamma   90.000
#
_symmetry.space_group_name_H-M   'P 21 21 21'
#
loop_
_entity.id
_entity.type
_entity.pdbx_description
1 polymer 'DNA polymerase IV'
2 polymer 'Extended Primer Strand'
3 polymer 'Template DNA'
4 polymer 'Primer Strand'
5 non-polymer "2'-DEOXYADENOSINE 5'-TRIPHOSPHATE"
6 non-polymer 'CALCIUM ION'
7 non-polymer 'PHOSPHATE ION'
8 water water
#
loop_
_entity_poly.entity_id
_entity_poly.type
_entity_poly.pdbx_seq_one_letter_code
_entity_poly.pdbx_strand_id
1 'polypeptide(L)'
;MIVLFVDFDYFYAQVEEVLNPSLKGKPVVVCVFSGRFEDSGAVATANYEARKFGVKAGIPIVEAKKILPNAVYLPMRKEV
YQQVSSRIMNLLREYSEKIEIASIDEAYLDISDKVRDYREAYNLGLEIKNKILEKEKITVTVGISKNKVFAKIAADMAKP
NGIKVIDDEEVKRLIRELDIADVPGIGNITAEKLKKLGINKLVDTLSIEFDKLKGMIGEAKAKYLISLARDEYNEPIRTR
VRKSIGRIVTMKRNSRNLEEIKPYLFRAIEESYYKLDKRIPKAIHVVAVTEDLDIVSRGRTFPHGISKETAYSESVKLLQ
KILEEDERKIRRIGVAFSKFIEAIGLDKFFDT
;
A,B
2 'polydeoxyribonucleotide' (DG)(DA)(DG)(DC)(DG)(DA)(DT)(DA)(DC)(DC)(DG)(DT)(DG)(DA) P
3 'polydeoxyribonucleotide' (DC)(DG)(DA)(DT)(DC)(DA)(DC)(8OG)(DG)(DT)(DA)(DT)(DC)(DG)(DC)(DT)(DC) T,D
4 'polydeoxyribonucleotide' (DG)(DA)(DG)(DC)(DG)(DA)(DT)(DA)(DC)(DC)(DG)(DT)(DG) C
#
# COMPACT_ATOMS: atom_id res chain seq x y z
N MET A 1 -27.52 -14.63 19.02
CA MET A 1 -27.53 -15.74 18.01
C MET A 1 -27.18 -17.08 18.69
N ILE A 2 -26.84 -18.09 17.90
CA ILE A 2 -26.27 -19.32 18.42
C ILE A 2 -24.89 -19.49 17.78
N VAL A 3 -23.85 -19.49 18.60
CA VAL A 3 -22.48 -19.67 18.16
C VAL A 3 -22.06 -21.12 18.46
N LEU A 4 -21.47 -21.78 17.49
CA LEU A 4 -20.73 -23.01 17.76
C LEU A 4 -19.21 -22.77 17.66
N PHE A 5 -18.50 -23.00 18.78
CA PHE A 5 -17.03 -22.95 18.84
C PHE A 5 -16.44 -24.32 18.63
N VAL A 6 -15.43 -24.42 17.77
CA VAL A 6 -14.66 -25.64 17.58
C VAL A 6 -13.22 -25.30 17.90
N ASP A 7 -12.56 -26.16 18.67
CA ASP A 7 -11.15 -26.01 19.10
C ASP A 7 -10.47 -27.36 19.07
N PHE A 8 -9.44 -27.51 18.24
CA PHE A 8 -8.77 -28.79 18.02
C PHE A 8 -7.91 -29.20 19.23
N ASP A 9 -8.06 -30.43 19.68
CA ASP A 9 -7.36 -30.85 20.88
C ASP A 9 -5.85 -30.87 20.64
N TYR A 10 -5.09 -30.49 21.66
CA TYR A 10 -3.62 -30.56 21.62
C TYR A 10 -3.11 -30.65 20.16
N PHE A 11 -3.22 -29.55 19.42
CA PHE A 11 -3.28 -29.66 17.96
C PHE A 11 -1.96 -30.11 17.35
N TYR A 12 -0.88 -29.37 17.63
CA TYR A 12 0.38 -29.75 17.01
C TYR A 12 0.75 -31.20 17.35
N ALA A 13 0.54 -31.59 18.59
CA ALA A 13 0.87 -32.94 19.00
C ALA A 13 -0.03 -33.97 18.34
N GLN A 14 -1.34 -33.69 18.29
CA GLN A 14 -2.26 -34.60 17.61
C GLN A 14 -1.87 -34.81 16.16
N VAL A 15 -1.45 -33.76 15.45
CA VAL A 15 -1.17 -33.94 14.02
C VAL A 15 0.06 -34.79 13.85
N GLU A 16 1.06 -34.57 14.71
CA GLU A 16 2.21 -35.47 14.81
C GLU A 16 1.79 -36.93 14.99
N GLU A 17 0.91 -37.20 15.96
CA GLU A 17 0.36 -38.55 16.16
C GLU A 17 -0.19 -39.11 14.86
N VAL A 18 -1.05 -38.35 14.20
CA VAL A 18 -1.72 -38.88 13.04
C VAL A 18 -0.76 -39.15 11.91
N LEU A 19 0.34 -38.42 11.85
CA LEU A 19 1.27 -38.64 10.76
C LEU A 19 2.19 -39.81 11.03
N ASN A 20 2.08 -40.42 12.18
CA ASN A 20 2.85 -41.59 12.56
C ASN A 20 2.14 -42.15 13.79
N PRO A 21 1.18 -43.07 13.62
CA PRO A 21 0.32 -43.47 14.76
C PRO A 21 1.03 -44.16 15.90
N SER A 22 2.33 -44.48 15.76
CA SER A 22 3.03 -45.19 16.81
C SER A 22 3.13 -44.38 18.10
N LEU A 23 2.91 -43.08 18.05
CA LEU A 23 3.15 -42.22 19.20
C LEU A 23 1.97 -42.23 20.16
N LYS A 24 0.82 -42.79 19.75
CA LYS A 24 -0.36 -42.65 20.57
C LYS A 24 -0.06 -43.13 22.00
N GLY A 25 -0.52 -42.38 22.98
CA GLY A 25 -0.31 -42.80 24.37
C GLY A 25 1.01 -42.37 24.98
N LYS A 26 2.12 -42.71 24.32
CA LYS A 26 3.44 -42.17 24.69
C LYS A 26 3.30 -40.67 24.84
N PRO A 27 4.09 -40.03 25.70
CA PRO A 27 4.07 -38.56 25.79
C PRO A 27 4.83 -37.92 24.64
N VAL A 28 4.16 -36.97 23.97
CA VAL A 28 4.72 -36.28 22.80
C VAL A 28 4.81 -34.78 23.07
N VAL A 29 5.92 -34.17 22.65
CA VAL A 29 6.22 -32.79 22.99
C VAL A 29 6.76 -32.07 21.77
N VAL A 30 6.00 -31.11 21.25
CA VAL A 30 6.38 -30.37 20.06
C VAL A 30 7.17 -29.15 20.48
N CYS A 31 8.40 -29.04 20.00
CA CYS A 31 9.30 -28.04 20.54
C CYS A 31 9.68 -27.02 19.48
N VAL A 32 10.01 -25.83 19.96
CA VAL A 32 10.62 -24.78 19.17
C VAL A 32 12.05 -24.65 19.61
N PHE A 33 12.96 -25.40 18.98
CA PHE A 33 14.36 -25.27 19.34
C PHE A 33 14.96 -24.01 18.72
N SER A 34 15.72 -23.26 19.51
CA SER A 34 16.20 -21.98 19.03
C SER A 34 17.68 -21.99 18.62
N GLY A 35 18.41 -23.07 18.85
CA GLY A 35 19.75 -23.19 18.26
C GLY A 35 20.77 -22.24 18.83
N ARG A 36 20.71 -22.01 20.14
CA ARG A 36 21.76 -21.34 20.89
C ARG A 36 22.58 -22.28 21.75
N PHE A 37 22.13 -23.51 21.91
CA PHE A 37 22.90 -24.54 22.62
C PHE A 37 22.03 -25.80 22.55
N GLU A 38 22.33 -26.80 23.38
CA GLU A 38 21.52 -28.01 23.38
C GLU A 38 20.12 -27.70 23.84
N ASP A 39 19.13 -28.23 23.10
CA ASP A 39 17.71 -28.14 23.45
C ASP A 39 17.30 -26.77 23.98
N SER A 40 17.87 -25.73 23.39
CA SER A 40 17.48 -24.38 23.73
C SER A 40 16.22 -24.01 22.96
N GLY A 41 15.20 -23.57 23.68
CA GLY A 41 13.92 -23.34 23.06
C GLY A 41 12.78 -23.39 24.06
N ALA A 42 11.62 -23.77 23.54
CA ALA A 42 10.40 -23.76 24.33
C ALA A 42 9.47 -24.81 23.78
N VAL A 43 8.51 -25.17 24.60
CA VAL A 43 7.61 -26.25 24.30
C VAL A 43 6.36 -25.65 23.70
N ALA A 44 6.16 -25.93 22.41
CA ALA A 44 5.05 -25.39 21.66
C ALA A 44 3.75 -25.94 22.18
N THR A 45 3.71 -27.26 22.40
CA THR A 45 2.55 -27.97 22.96
C THR A 45 2.86 -29.47 23.07
N ALA A 46 1.97 -30.16 23.77
CA ALA A 46 2.27 -31.49 24.25
C ALA A 46 0.96 -32.24 24.47
N ASN A 47 0.89 -33.49 24.02
CA ASN A 47 -0.36 -34.19 24.20
C ASN A 47 -0.66 -34.28 25.68
N TYR A 48 -1.88 -34.73 25.99
CA TYR A 48 -2.31 -34.73 27.39
C TYR A 48 -1.60 -35.78 28.22
N GLU A 49 -1.19 -36.88 27.58
CA GLU A 49 -0.35 -37.87 28.22
C GLU A 49 0.88 -37.22 28.84
N ALA A 50 1.62 -36.45 28.06
CA ALA A 50 2.79 -35.77 28.60
C ALA A 50 2.40 -34.60 29.46
N ARG A 51 1.26 -34.00 29.19
CA ARG A 51 0.84 -32.85 29.97
C ARG A 51 0.59 -33.19 31.43
N LYS A 52 0.52 -34.48 31.80
CA LYS A 52 0.15 -34.90 33.15
C LYS A 52 1.23 -34.69 34.20
N PHE A 53 2.51 -34.55 33.80
CA PHE A 53 3.60 -34.43 34.76
C PHE A 53 4.25 -33.06 34.81
N GLY A 54 3.88 -32.15 33.92
CA GLY A 54 4.20 -30.75 34.12
C GLY A 54 4.49 -30.00 32.84
N VAL A 55 4.45 -30.68 31.71
CA VAL A 55 5.03 -30.18 30.48
C VAL A 55 3.90 -29.53 29.65
N LYS A 56 3.77 -28.23 29.81
CA LYS A 56 2.81 -27.42 29.09
C LYS A 56 3.53 -26.50 28.10
N ALA A 57 2.71 -25.82 27.28
CA ALA A 57 3.21 -24.78 26.37
C ALA A 57 3.89 -23.64 27.11
N GLY A 58 5.04 -23.23 26.56
CA GLY A 58 5.71 -22.02 26.98
C GLY A 58 6.91 -22.23 27.87
N ILE A 59 7.02 -23.41 28.51
CA ILE A 59 8.09 -23.62 29.48
C ILE A 59 9.32 -24.12 28.75
N PRO A 60 10.52 -24.00 29.32
CA PRO A 60 11.72 -24.31 28.53
C PRO A 60 11.87 -25.79 28.24
N ILE A 61 12.57 -26.08 27.14
CA ILE A 61 12.77 -27.47 26.72
C ILE A 61 13.69 -28.20 27.69
N VAL A 62 14.55 -27.45 28.39
CA VAL A 62 15.42 -28.05 29.39
C VAL A 62 14.61 -28.45 30.62
N GLU A 63 13.78 -27.53 31.18
CA GLU A 63 12.90 -27.90 32.29
C GLU A 63 11.97 -29.02 31.90
N ALA A 64 11.64 -29.13 30.61
CA ALA A 64 10.82 -30.24 30.14
C ALA A 64 11.62 -31.52 30.00
N LYS A 65 12.87 -31.41 29.58
CA LYS A 65 13.73 -32.58 29.55
C LYS A 65 13.94 -33.15 30.94
N LYS A 66 13.98 -32.31 31.97
CA LYS A 66 14.01 -32.81 33.35
C LYS A 66 12.84 -33.76 33.60
N ILE A 67 11.62 -33.23 33.51
CA ILE A 67 10.45 -33.96 34.01
C ILE A 67 10.22 -35.26 33.23
N LEU A 68 10.67 -35.33 31.99
CA LEU A 68 10.41 -36.50 31.17
C LEU A 68 11.60 -36.80 30.30
N PRO A 69 12.72 -37.21 30.87
CA PRO A 69 13.89 -37.47 30.02
C PRO A 69 13.57 -38.36 28.83
N ASN A 70 12.55 -39.21 28.94
CA ASN A 70 12.37 -40.30 27.98
C ASN A 70 11.27 -40.07 26.97
N ALA A 71 10.61 -38.91 26.98
CA ALA A 71 9.53 -38.62 26.03
C ALA A 71 10.07 -38.47 24.60
N VAL A 72 9.14 -38.42 23.63
CA VAL A 72 9.51 -38.13 22.24
C VAL A 72 9.41 -36.62 22.01
N TYR A 73 10.48 -36.00 21.50
CA TYR A 73 10.56 -34.54 21.45
C TYR A 73 10.69 -34.08 20.00
N LEU A 74 9.60 -33.80 19.40
CA LEU A 74 9.65 -33.51 17.97
C LEU A 74 9.83 -32.01 17.69
N PRO A 75 10.48 -31.67 16.59
CA PRO A 75 10.50 -30.27 16.15
C PRO A 75 9.17 -29.84 15.53
N MET A 76 8.89 -28.55 15.68
CA MET A 76 7.62 -27.99 15.24
C MET A 76 7.61 -27.75 13.74
N ARG A 77 6.66 -28.36 13.04
CA ARG A 77 6.50 -28.11 11.60
C ARG A 77 5.19 -27.33 11.45
N LYS A 78 5.28 -26.04 11.66
CA LYS A 78 4.07 -25.22 11.59
C LYS A 78 3.43 -25.33 10.22
N GLU A 79 4.25 -25.48 9.17
CA GLU A 79 3.72 -25.46 7.81
C GLU A 79 2.84 -26.67 7.59
N VAL A 80 3.18 -27.80 8.23
CA VAL A 80 2.38 -29.02 8.18
C VAL A 80 1.08 -28.81 8.93
N TYR A 81 1.16 -28.31 10.15
CA TYR A 81 -0.03 -28.10 10.94
C TYR A 81 -1.00 -27.18 10.20
N GLN A 82 -0.49 -26.13 9.56
CA GLN A 82 -1.32 -25.26 8.75
C GLN A 82 -2.07 -26.00 7.66
N GLN A 83 -1.36 -26.80 6.90
CA GLN A 83 -2.02 -27.42 5.76
C GLN A 83 -3.19 -28.28 6.21
N VAL A 84 -3.03 -28.99 7.33
CA VAL A 84 -4.13 -29.84 7.78
C VAL A 84 -5.20 -29.06 8.53
N SER A 85 -4.87 -27.88 9.09
CA SER A 85 -5.90 -26.99 9.63
C SER A 85 -6.82 -26.49 8.52
N SER A 86 -6.25 -25.78 7.55
CA SER A 86 -6.94 -25.38 6.34
C SER A 86 -8.00 -26.38 5.91
N ARG A 87 -7.65 -27.66 5.89
CA ARG A 87 -8.65 -28.62 5.49
C ARG A 87 -9.75 -28.69 6.52
N ILE A 88 -9.40 -28.92 7.79
CA ILE A 88 -10.48 -29.01 8.76
C ILE A 88 -11.36 -27.78 8.66
N MET A 89 -10.76 -26.61 8.51
CA MET A 89 -11.52 -25.39 8.29
C MET A 89 -12.47 -25.57 7.11
N ASN A 90 -11.96 -26.09 5.98
CA ASN A 90 -12.82 -26.24 4.81
C ASN A 90 -14.00 -27.17 5.09
N LEU A 91 -13.78 -28.24 5.85
CA LEU A 91 -14.90 -29.09 6.26
C LEU A 91 -15.97 -28.32 7.03
N LEU A 92 -15.57 -27.35 7.86
CA LEU A 92 -16.53 -26.59 8.67
C LEU A 92 -17.35 -25.60 7.84
N ARG A 93 -16.88 -25.21 6.65
CA ARG A 93 -17.67 -24.35 5.78
C ARG A 93 -18.94 -25.02 5.26
N GLU A 94 -19.03 -26.35 5.23
CA GLU A 94 -20.29 -26.96 4.85
C GLU A 94 -21.31 -26.98 5.98
N TYR A 95 -21.07 -26.28 7.08
CA TYR A 95 -22.07 -26.18 8.13
C TYR A 95 -22.44 -24.74 8.47
N SER A 96 -21.76 -23.74 7.89
CA SER A 96 -22.34 -22.41 7.91
C SER A 96 -21.58 -21.46 6.98
N GLU A 97 -22.33 -20.61 6.29
CA GLU A 97 -21.71 -19.57 5.49
C GLU A 97 -21.01 -18.53 6.38
N LYS A 98 -21.37 -18.46 7.64
CA LYS A 98 -20.84 -17.46 8.55
C LYS A 98 -19.80 -18.15 9.42
N ILE A 99 -18.51 -17.85 9.20
CA ILE A 99 -17.44 -18.50 9.94
C ILE A 99 -16.34 -17.53 10.28
N GLU A 100 -15.82 -17.68 11.49
CA GLU A 100 -14.70 -16.89 11.96
C GLU A 100 -13.58 -17.87 12.21
N ILE A 101 -12.66 -17.98 11.27
CA ILE A 101 -11.41 -18.69 11.53
C ILE A 101 -10.54 -17.81 12.45
N ALA A 102 -10.62 -18.12 13.76
CA ALA A 102 -9.97 -17.36 14.82
C ALA A 102 -8.49 -17.63 14.91
N SER A 103 -8.01 -18.79 14.47
CA SER A 103 -6.60 -19.14 14.58
C SER A 103 -6.41 -20.44 13.85
N ILE A 104 -5.17 -20.97 13.91
CA ILE A 104 -4.83 -22.28 13.32
C ILE A 104 -5.58 -23.43 13.96
N ASP A 105 -6.40 -23.15 14.96
CA ASP A 105 -6.80 -24.15 15.92
C ASP A 105 -8.23 -23.99 16.36
N GLU A 106 -8.87 -22.87 16.03
CA GLU A 106 -10.13 -22.42 16.59
C GLU A 106 -10.93 -21.70 15.50
N ALA A 107 -12.24 -21.82 15.58
CA ALA A 107 -13.12 -21.13 14.65
C ALA A 107 -14.54 -21.18 15.16
N TYR A 108 -15.29 -20.12 14.93
CA TYR A 108 -16.66 -19.97 15.39
C TYR A 108 -17.61 -20.05 14.20
N LEU A 109 -18.73 -20.70 14.39
CA LEU A 109 -19.81 -20.75 13.41
C LEU A 109 -21.00 -20.01 13.99
N ASP A 110 -21.62 -19.16 13.17
CA ASP A 110 -22.92 -18.57 13.51
C ASP A 110 -23.96 -19.49 12.91
N ILE A 111 -24.45 -20.44 13.70
CA ILE A 111 -25.38 -21.45 13.20
C ILE A 111 -26.83 -21.08 13.51
N SER A 112 -27.09 -19.85 13.96
CA SER A 112 -28.46 -19.51 14.33
C SER A 112 -29.44 -19.88 13.20
N ASP A 113 -29.06 -19.62 11.94
CA ASP A 113 -29.92 -19.96 10.81
C ASP A 113 -29.99 -21.45 10.48
N LYS A 114 -29.11 -22.29 11.00
CA LYS A 114 -29.11 -23.68 10.59
C LYS A 114 -29.93 -24.57 11.51
N VAL A 115 -30.28 -24.09 12.70
CA VAL A 115 -31.07 -24.89 13.62
C VAL A 115 -32.03 -23.91 14.30
N ARG A 116 -32.71 -24.37 15.36
CA ARG A 116 -33.72 -23.56 16.02
C ARG A 116 -33.53 -23.43 17.52
N ASP A 117 -32.66 -24.22 18.13
CA ASP A 117 -32.54 -24.29 19.58
C ASP A 117 -31.14 -24.77 19.95
N TYR A 118 -30.95 -25.15 21.22
CA TYR A 118 -29.68 -25.70 21.68
C TYR A 118 -29.59 -27.22 21.53
N ARG A 119 -30.68 -27.98 21.56
CA ARG A 119 -30.51 -29.40 21.30
C ARG A 119 -30.22 -29.65 19.82
N GLU A 120 -30.85 -28.90 18.93
CA GLU A 120 -30.52 -29.10 17.52
C GLU A 120 -29.09 -28.67 17.21
N ALA A 121 -28.66 -27.53 17.78
CA ALA A 121 -27.26 -27.13 17.72
C ALA A 121 -26.35 -28.25 18.18
N TYR A 122 -26.44 -28.60 19.46
CA TYR A 122 -25.66 -29.69 20.05
C TYR A 122 -25.55 -30.88 19.13
N ASN A 123 -26.65 -31.39 18.59
CA ASN A 123 -26.56 -32.55 17.70
C ASN A 123 -25.82 -32.23 16.41
N LEU A 124 -25.71 -30.95 16.05
CA LEU A 124 -24.73 -30.53 15.05
C LEU A 124 -23.33 -30.79 15.57
N GLY A 125 -23.05 -30.33 16.80
CA GLY A 125 -21.76 -30.51 17.44
C GLY A 125 -21.21 -31.90 17.22
N LEU A 126 -22.08 -32.91 17.25
CA LEU A 126 -21.61 -34.27 17.07
C LEU A 126 -21.42 -34.58 15.60
N GLU A 127 -22.35 -34.09 14.77
CA GLU A 127 -22.20 -34.22 13.32
C GLU A 127 -20.81 -33.76 12.91
N ILE A 128 -20.38 -32.61 13.46
CA ILE A 128 -19.10 -31.98 13.09
C ILE A 128 -17.93 -32.70 13.74
N LYS A 129 -18.00 -32.97 15.03
CA LYS A 129 -16.97 -33.77 15.67
C LYS A 129 -16.72 -35.06 14.89
N ASN A 130 -17.82 -35.77 14.55
CA ASN A 130 -17.74 -37.04 13.84
C ASN A 130 -17.19 -36.87 12.43
N LYS A 131 -17.49 -35.73 11.79
CA LYS A 131 -16.99 -35.50 10.44
C LYS A 131 -15.49 -35.30 10.44
N ILE A 132 -14.98 -34.51 11.38
CA ILE A 132 -13.55 -34.20 11.41
C ILE A 132 -12.76 -35.46 11.76
N LEU A 133 -13.33 -36.28 12.65
CA LEU A 133 -12.66 -37.51 13.05
C LEU A 133 -12.62 -38.50 11.90
N GLU A 134 -13.72 -38.65 11.17
CA GLU A 134 -13.71 -39.55 10.02
C GLU A 134 -12.75 -39.04 8.95
N LYS A 135 -12.89 -37.76 8.60
CA LYS A 135 -12.15 -37.25 7.45
C LYS A 135 -10.66 -37.06 7.70
N GLU A 136 -10.23 -36.84 8.95
CA GLU A 136 -8.84 -36.46 9.22
C GLU A 136 -8.27 -37.06 10.50
N LYS A 137 -9.07 -37.76 11.30
CA LYS A 137 -8.56 -38.45 12.48
C LYS A 137 -8.02 -37.43 13.53
N ILE A 138 -8.60 -36.22 13.57
CA ILE A 138 -8.39 -35.24 14.64
C ILE A 138 -9.63 -35.20 15.52
N THR A 139 -9.43 -35.02 16.81
CA THR A 139 -10.54 -34.86 17.73
C THR A 139 -10.55 -33.43 18.26
N VAL A 140 -11.75 -32.90 18.49
CA VAL A 140 -11.95 -31.47 18.70
C VAL A 140 -12.97 -31.26 19.81
N THR A 141 -12.95 -30.07 20.42
CA THR A 141 -13.92 -29.73 21.43
C THR A 141 -14.86 -28.70 20.87
N VAL A 142 -16.12 -28.68 21.35
CA VAL A 142 -17.17 -27.82 20.80
C VAL A 142 -17.84 -27.07 21.94
N GLY A 143 -17.98 -25.75 21.78
CA GLY A 143 -18.63 -24.89 22.75
C GLY A 143 -19.83 -24.19 22.13
N ILE A 144 -21.02 -24.35 22.71
CA ILE A 144 -22.24 -23.82 22.13
C ILE A 144 -22.85 -22.86 23.10
N SER A 145 -23.23 -21.69 22.62
CA SER A 145 -23.77 -20.64 23.49
C SER A 145 -24.18 -19.43 22.64
N LYS A 146 -24.68 -18.38 23.27
CA LYS A 146 -25.38 -17.28 22.59
C LYS A 146 -24.48 -16.20 21.96
N ASN A 147 -23.19 -16.23 22.24
CA ASN A 147 -22.23 -15.27 21.70
C ASN A 147 -20.88 -15.96 21.60
N LYS A 148 -19.92 -15.28 20.96
CA LYS A 148 -18.58 -15.86 20.79
C LYS A 148 -17.86 -16.07 22.14
N VAL A 149 -17.98 -15.11 23.07
CA VAL A 149 -17.24 -15.27 24.32
C VAL A 149 -17.70 -16.52 25.09
N PHE A 150 -19.00 -16.64 25.34
CA PHE A 150 -19.44 -17.80 26.11
C PHE A 150 -19.39 -19.08 25.33
N ALA A 151 -19.22 -19.03 24.03
CA ALA A 151 -19.05 -20.29 23.32
C ALA A 151 -17.61 -20.77 23.41
N LYS A 152 -16.66 -19.83 23.49
CA LYS A 152 -15.28 -20.22 23.80
C LYS A 152 -15.20 -20.82 25.20
N ILE A 153 -15.98 -20.28 26.15
CA ILE A 153 -15.91 -20.77 27.53
C ILE A 153 -16.58 -22.12 27.71
N ALA A 154 -17.65 -22.37 26.97
CA ALA A 154 -18.22 -23.72 26.94
C ALA A 154 -17.13 -24.73 26.56
N ALA A 155 -16.35 -24.42 25.54
CA ALA A 155 -15.37 -25.37 25.06
C ALA A 155 -14.23 -25.51 26.06
N ASP A 156 -13.83 -24.42 26.71
CA ASP A 156 -12.64 -24.46 27.55
C ASP A 156 -12.90 -25.20 28.86
N MET A 157 -14.16 -25.47 29.17
CA MET A 157 -14.55 -26.43 30.23
C MET A 157 -14.56 -27.86 29.71
N ALA A 158 -15.37 -28.13 28.69
CA ALA A 158 -15.49 -29.48 28.14
C ALA A 158 -14.23 -30.09 27.55
N LYS A 159 -13.13 -29.40 27.44
CA LYS A 159 -12.04 -30.13 26.77
C LYS A 159 -11.24 -30.94 27.80
N PRO A 160 -10.61 -32.07 27.40
CA PRO A 160 -10.44 -32.57 26.01
C PRO A 160 -11.49 -33.50 25.44
N ASN A 161 -11.55 -33.59 24.11
CA ASN A 161 -12.66 -34.14 23.34
C ASN A 161 -14.00 -34.04 24.06
N GLY A 162 -14.63 -32.87 24.03
CA GLY A 162 -15.87 -32.62 24.75
C GLY A 162 -16.87 -31.85 23.93
N ILE A 163 -18.01 -31.55 24.55
CA ILE A 163 -19.04 -30.71 23.93
C ILE A 163 -19.95 -30.22 25.01
N LYS A 164 -20.36 -28.96 24.93
CA LYS A 164 -21.05 -28.32 26.04
C LYS A 164 -21.84 -27.12 25.53
N VAL A 165 -23.08 -27.01 25.99
CA VAL A 165 -23.93 -25.86 25.71
C VAL A 165 -23.94 -25.00 26.96
N ILE A 166 -24.33 -23.75 26.79
CA ILE A 166 -24.52 -22.82 27.89
C ILE A 166 -25.83 -22.09 27.59
N ASP A 167 -26.96 -22.69 27.99
CA ASP A 167 -28.27 -22.09 27.83
C ASP A 167 -28.33 -20.78 28.63
N ASP A 168 -29.36 -19.99 28.37
CA ASP A 168 -29.38 -18.63 28.92
C ASP A 168 -29.42 -18.67 30.43
N GLU A 169 -30.01 -19.73 31.01
CA GLU A 169 -30.00 -19.86 32.47
C GLU A 169 -28.59 -20.04 33.00
N GLU A 170 -27.79 -20.89 32.34
CA GLU A 170 -26.40 -21.14 32.73
C GLU A 170 -25.54 -19.91 32.55
N VAL A 171 -25.80 -19.11 31.51
CA VAL A 171 -25.09 -17.85 31.35
C VAL A 171 -25.32 -16.99 32.56
N LYS A 172 -26.61 -16.75 32.90
CA LYS A 172 -27.00 -16.02 34.11
C LYS A 172 -26.22 -16.54 35.33
N ARG A 173 -26.03 -17.86 35.41
CA ARG A 173 -25.31 -18.42 36.54
C ARG A 173 -23.87 -17.95 36.56
N LEU A 174 -23.21 -17.98 35.40
CA LEU A 174 -21.77 -17.72 35.35
C LEU A 174 -21.39 -16.25 35.47
N ILE A 175 -22.24 -15.32 35.08
CA ILE A 175 -21.87 -13.93 35.32
C ILE A 175 -21.70 -13.72 36.80
N ARG A 176 -22.48 -14.48 37.60
CA ARG A 176 -22.45 -14.42 39.07
C ARG A 176 -21.31 -15.28 39.62
N GLU A 177 -21.31 -16.57 39.25
CA GLU A 177 -20.45 -17.60 39.83
C GLU A 177 -19.07 -17.74 39.18
N LEU A 178 -18.90 -17.38 37.90
CA LEU A 178 -17.61 -17.58 37.24
C LEU A 178 -16.57 -16.56 37.68
N ASP A 179 -15.35 -17.03 37.87
CA ASP A 179 -14.23 -16.17 38.21
C ASP A 179 -13.80 -15.33 37.01
N ILE A 180 -13.47 -14.04 37.26
CA ILE A 180 -13.13 -13.18 36.12
C ILE A 180 -11.82 -13.61 35.45
N ALA A 181 -10.98 -14.38 36.11
CA ALA A 181 -9.75 -14.78 35.43
C ALA A 181 -10.02 -15.78 34.33
N ASP A 182 -11.19 -16.40 34.31
CA ASP A 182 -11.56 -17.37 33.29
C ASP A 182 -12.40 -16.74 32.17
N VAL A 183 -12.40 -15.42 32.08
CA VAL A 183 -13.02 -14.72 30.96
C VAL A 183 -11.99 -14.63 29.84
N PRO A 184 -12.35 -14.97 28.60
CA PRO A 184 -11.49 -14.56 27.47
C PRO A 184 -11.07 -13.08 27.55
N GLY A 185 -9.75 -12.86 27.49
CA GLY A 185 -9.16 -11.54 27.47
C GLY A 185 -8.72 -11.02 28.83
N ILE A 186 -9.00 -11.76 29.89
CA ILE A 186 -8.57 -11.36 31.23
C ILE A 186 -7.39 -12.25 31.58
N GLY A 187 -6.20 -11.72 31.38
CA GLY A 187 -4.97 -12.39 31.75
C GLY A 187 -4.48 -11.87 33.08
N ASN A 188 -3.24 -12.22 33.36
CA ASN A 188 -2.68 -12.03 34.69
C ASN A 188 -2.72 -10.58 35.13
N ILE A 189 -2.06 -9.69 34.40
CA ILE A 189 -1.90 -8.29 34.80
C ILE A 189 -3.23 -7.62 35.10
N THR A 190 -4.29 -8.06 34.45
CA THR A 190 -5.62 -7.46 34.62
C THR A 190 -6.45 -8.14 35.71
N ALA A 191 -6.42 -9.49 35.79
CA ALA A 191 -7.06 -10.18 36.91
C ALA A 191 -6.62 -9.61 38.24
N GLU A 192 -5.38 -9.08 38.28
CA GLU A 192 -4.85 -8.47 39.49
C GLU A 192 -5.45 -7.09 39.74
N LYS A 193 -5.42 -6.22 38.73
CA LYS A 193 -6.05 -4.92 38.90
C LYS A 193 -7.53 -5.06 39.28
N LEU A 194 -8.10 -6.24 39.09
CA LEU A 194 -9.50 -6.52 39.39
C LEU A 194 -9.70 -7.11 40.78
N LYS A 195 -8.81 -8.02 41.23
CA LYS A 195 -8.77 -8.37 42.66
C LYS A 195 -8.49 -7.13 43.51
N LYS A 196 -7.54 -6.29 43.07
CA LYS A 196 -7.19 -5.01 43.68
C LYS A 196 -8.28 -3.95 43.53
N LEU A 197 -9.55 -4.37 43.57
CA LEU A 197 -10.69 -3.53 43.20
C LEU A 197 -11.95 -4.23 43.70
N GLY A 198 -11.78 -5.42 44.26
CA GLY A 198 -12.88 -6.19 44.78
C GLY A 198 -13.70 -6.93 43.75
N ILE A 199 -13.43 -6.73 42.46
CA ILE A 199 -14.15 -7.42 41.40
C ILE A 199 -13.53 -8.80 41.19
N ASN A 200 -14.30 -9.85 41.45
CA ASN A 200 -13.83 -11.22 41.27
C ASN A 200 -14.81 -12.02 40.44
N LYS A 201 -15.91 -11.38 40.02
CA LYS A 201 -16.92 -11.92 39.11
C LYS A 201 -17.29 -10.82 38.12
N LEU A 202 -17.97 -11.19 37.04
CA LEU A 202 -18.41 -10.17 36.09
C LEU A 202 -19.42 -9.25 36.73
N VAL A 203 -20.53 -9.84 37.17
CA VAL A 203 -21.62 -9.12 37.82
C VAL A 203 -21.10 -8.08 38.80
N ASP A 204 -19.97 -8.37 39.46
CA ASP A 204 -19.33 -7.40 40.35
C ASP A 204 -18.97 -6.09 39.64
N THR A 205 -18.76 -6.13 38.30
CA THR A 205 -18.32 -4.93 37.57
C THR A 205 -19.46 -3.95 37.32
N LEU A 206 -20.71 -4.34 37.55
CA LEU A 206 -21.85 -3.47 37.32
C LEU A 206 -22.05 -2.48 38.45
N SER A 207 -21.80 -2.92 39.67
CA SER A 207 -22.02 -2.14 40.89
C SER A 207 -20.73 -1.46 41.30
N ILE A 208 -20.16 -0.71 40.38
CA ILE A 208 -18.99 0.09 40.64
C ILE A 208 -19.04 1.25 39.66
N GLU A 209 -18.39 2.35 40.02
CA GLU A 209 -18.39 3.51 39.13
C GLU A 209 -17.62 3.16 37.88
N PHE A 210 -18.16 3.58 36.73
CA PHE A 210 -17.60 3.07 35.50
C PHE A 210 -16.19 3.62 35.27
N ASP A 211 -15.96 4.88 35.61
CA ASP A 211 -14.61 5.44 35.48
C ASP A 211 -13.62 4.79 36.44
N LYS A 212 -14.11 4.15 37.50
CA LYS A 212 -13.24 3.36 38.38
C LYS A 212 -12.67 2.15 37.64
N LEU A 213 -13.52 1.48 36.85
CA LEU A 213 -13.04 0.46 35.93
C LEU A 213 -12.22 1.09 34.82
N LYS A 214 -12.75 2.15 34.23
CA LYS A 214 -12.03 2.77 33.13
C LYS A 214 -10.62 3.08 33.59
N GLY A 215 -10.49 3.66 34.79
CA GLY A 215 -9.17 4.12 35.22
C GLY A 215 -8.16 3.00 35.21
N MET A 216 -8.61 1.82 35.65
CA MET A 216 -7.70 0.73 36.03
C MET A 216 -7.30 -0.10 34.81
N ILE A 217 -8.29 -0.59 34.04
CA ILE A 217 -8.01 -1.51 32.94
C ILE A 217 -8.15 -0.89 31.55
N GLY A 218 -8.84 0.24 31.41
CA GLY A 218 -8.98 1.03 30.21
C GLY A 218 -10.42 1.00 29.69
N GLU A 219 -10.79 2.01 28.89
CA GLU A 219 -12.20 2.07 28.52
C GLU A 219 -12.60 0.81 27.75
N ALA A 220 -11.64 0.12 27.13
CA ALA A 220 -11.95 -0.99 26.25
C ALA A 220 -12.46 -2.22 27.00
N LYS A 221 -11.63 -2.77 27.90
CA LYS A 221 -12.07 -3.92 28.71
C LYS A 221 -13.22 -3.53 29.63
N ALA A 222 -13.20 -2.31 30.17
CA ALA A 222 -14.31 -1.83 30.97
C ALA A 222 -15.63 -2.05 30.23
N LYS A 223 -15.73 -1.45 29.03
CA LYS A 223 -16.92 -1.59 28.19
C LYS A 223 -17.12 -3.06 27.78
N TYR A 224 -16.02 -3.78 27.53
CA TYR A 224 -16.07 -5.22 27.27
C TYR A 224 -16.71 -5.99 28.42
N LEU A 225 -16.13 -5.87 29.62
CA LEU A 225 -16.62 -6.64 30.76
C LEU A 225 -18.03 -6.24 31.13
N ILE A 226 -18.33 -4.93 31.09
CA ILE A 226 -19.66 -4.49 31.49
C ILE A 226 -20.72 -5.15 30.62
N SER A 227 -20.60 -4.99 29.29
CA SER A 227 -21.60 -5.53 28.38
C SER A 227 -21.78 -7.02 28.61
N LEU A 228 -20.68 -7.72 28.89
CA LEU A 228 -20.77 -9.13 29.19
C LEU A 228 -21.65 -9.36 30.39
N ALA A 229 -21.50 -8.53 31.44
CA ALA A 229 -22.25 -8.70 32.68
C ALA A 229 -23.71 -8.27 32.52
N ARG A 230 -23.96 -7.12 31.84
CA ARG A 230 -25.36 -6.75 31.48
C ARG A 230 -25.99 -7.71 30.48
N ASP A 231 -25.35 -8.83 30.16
CA ASP A 231 -25.76 -9.73 29.08
C ASP A 231 -26.02 -9.01 27.76
N GLU A 232 -25.44 -7.84 27.56
CA GLU A 232 -25.68 -7.07 26.35
C GLU A 232 -24.58 -7.26 25.31
N TYR A 233 -23.72 -8.24 25.49
CA TYR A 233 -22.65 -8.49 24.52
C TYR A 233 -23.16 -9.42 23.44
N ASN A 234 -22.60 -9.25 22.26
CA ASN A 234 -23.23 -9.73 21.04
C ASN A 234 -22.35 -9.15 19.95
N GLU A 235 -21.38 -9.93 19.54
CA GLU A 235 -20.50 -9.51 18.53
C GLU A 235 -20.59 -10.50 17.40
N PRO A 236 -20.66 -10.02 16.19
CA PRO A 236 -21.01 -10.88 15.06
C PRO A 236 -19.79 -11.67 14.60
N ILE A 237 -20.05 -12.88 14.14
CA ILE A 237 -19.01 -13.65 13.47
C ILE A 237 -18.55 -12.94 12.20
N ARG A 238 -17.24 -12.82 12.04
CA ARG A 238 -16.72 -12.14 10.87
C ARG A 238 -15.36 -12.70 10.50
N THR A 239 -15.16 -13.00 9.23
CA THR A 239 -13.88 -13.53 8.79
C THR A 239 -12.77 -12.53 9.15
N ARG A 240 -11.65 -13.05 9.63
CA ARG A 240 -10.57 -12.16 10.01
C ARG A 240 -9.65 -11.94 8.81
N VAL A 241 -8.88 -10.88 8.87
CA VAL A 241 -7.98 -10.59 7.77
C VAL A 241 -6.56 -10.37 8.32
N ARG A 242 -5.63 -11.25 7.96
CA ARG A 242 -4.26 -11.06 8.39
C ARG A 242 -3.89 -9.61 8.15
N LYS A 243 -3.48 -8.94 9.22
CA LYS A 243 -3.05 -7.56 9.14
C LYS A 243 -1.54 -7.42 9.28
N SER A 244 -0.83 -8.51 9.54
CA SER A 244 0.60 -8.38 9.68
C SER A 244 1.23 -9.76 9.56
N ILE A 245 2.54 -9.78 9.29
CA ILE A 245 3.30 -10.98 8.95
C ILE A 245 4.78 -10.77 9.23
N GLY A 246 5.42 -11.69 9.90
CA GLY A 246 6.78 -11.38 10.26
C GLY A 246 7.53 -12.57 10.81
N ARG A 247 8.76 -12.30 11.15
CA ARG A 247 9.62 -13.37 11.55
C ARG A 247 10.60 -12.74 12.51
N ILE A 248 10.73 -13.33 13.68
CA ILE A 248 11.74 -12.94 14.64
C ILE A 248 12.61 -14.16 14.90
N VAL A 249 13.91 -13.99 14.80
CA VAL A 249 14.85 -15.09 14.99
C VAL A 249 15.79 -14.77 16.15
N THR A 250 16.43 -15.82 16.64
CA THR A 250 17.29 -15.78 17.82
C THR A 250 18.76 -15.91 17.39
N MET A 251 19.62 -15.20 18.09
CA MET A 251 21.02 -15.05 17.71
C MET A 251 21.88 -15.89 18.63
N LYS A 252 22.80 -16.65 18.04
CA LYS A 252 23.61 -17.59 18.82
C LYS A 252 24.32 -16.91 19.98
N ARG A 253 24.54 -15.61 19.88
CA ARG A 253 25.07 -14.86 21.00
C ARG A 253 24.40 -13.51 20.94
N ASN A 254 24.26 -12.86 22.09
CA ASN A 254 23.77 -11.50 22.05
C ASN A 254 24.79 -10.61 21.35
N SER A 255 24.49 -9.33 21.27
CA SER A 255 25.34 -8.43 20.50
C SER A 255 24.66 -7.09 20.38
N ARG A 256 25.46 -6.07 20.05
CA ARG A 256 24.98 -4.81 19.48
C ARG A 256 25.88 -4.38 18.32
N ASN A 257 26.64 -5.32 17.74
CA ASN A 257 27.45 -5.08 16.54
C ASN A 257 26.59 -5.24 15.28
N LEU A 258 26.39 -4.13 14.57
CA LEU A 258 25.45 -4.12 13.46
C LEU A 258 25.74 -5.19 12.41
N GLU A 259 27.00 -5.54 12.19
CA GLU A 259 27.35 -6.48 11.12
C GLU A 259 27.23 -7.92 11.58
N GLU A 260 27.33 -8.19 12.88
CA GLU A 260 27.02 -9.50 13.43
C GLU A 260 25.53 -9.81 13.28
N ILE A 261 24.71 -8.77 13.44
CA ILE A 261 23.25 -8.89 13.51
C ILE A 261 22.64 -8.96 12.14
N LYS A 262 23.27 -8.31 11.16
CA LYS A 262 22.64 -8.17 9.83
C LYS A 262 22.25 -9.51 9.27
N PRO A 263 23.09 -10.53 9.27
CA PRO A 263 22.69 -11.82 8.69
C PRO A 263 21.35 -12.31 9.23
N TYR A 264 21.19 -12.32 10.55
CA TYR A 264 19.94 -12.74 11.16
C TYR A 264 18.78 -11.91 10.65
N LEU A 265 18.97 -10.60 10.54
CA LEU A 265 17.91 -9.71 10.12
C LEU A 265 17.56 -9.91 8.65
N PHE A 266 18.53 -10.10 7.78
CA PHE A 266 18.19 -10.43 6.39
C PHE A 266 17.51 -11.80 6.29
N ARG A 267 17.86 -12.75 7.14
CA ARG A 267 17.11 -14.01 7.16
C ARG A 267 15.65 -13.78 7.56
N ALA A 268 15.39 -13.08 8.68
CA ALA A 268 14.01 -12.77 8.98
C ALA A 268 13.29 -12.13 7.79
N ILE A 269 14.00 -11.46 6.89
CA ILE A 269 13.28 -10.78 5.82
C ILE A 269 12.95 -11.76 4.68
N GLU A 270 13.85 -12.66 4.37
CA GLU A 270 13.51 -13.74 3.44
C GLU A 270 12.36 -14.61 3.96
N GLU A 271 12.50 -15.15 5.18
CA GLU A 271 11.36 -15.92 5.68
C GLU A 271 10.09 -15.07 5.65
N SER A 272 10.21 -13.75 5.82
CA SER A 272 9.02 -12.89 5.81
C SER A 272 8.47 -12.69 4.41
N TYR A 273 9.33 -12.39 3.44
CA TYR A 273 8.82 -12.21 2.09
C TYR A 273 8.29 -13.49 1.47
N TYR A 274 8.77 -14.66 1.93
CA TYR A 274 8.14 -15.92 1.51
C TYR A 274 6.72 -16.06 2.11
N LYS A 275 6.57 -15.79 3.40
CA LYS A 275 5.24 -15.82 4.00
C LYS A 275 4.33 -14.80 3.32
N LEU A 276 4.88 -13.67 2.91
CA LEU A 276 4.03 -12.64 2.34
C LEU A 276 3.33 -13.15 1.09
N ASP A 277 3.97 -14.10 0.37
CA ASP A 277 3.57 -14.49 -0.97
C ASP A 277 3.26 -13.26 -1.82
N LYS A 278 2.00 -13.05 -2.20
CA LYS A 278 1.63 -12.07 -3.22
C LYS A 278 1.20 -10.74 -2.63
N ARG A 279 1.50 -10.51 -1.37
CA ARG A 279 1.00 -9.33 -0.68
C ARG A 279 2.08 -8.26 -0.63
N ILE A 280 1.66 -7.01 -0.73
CA ILE A 280 2.64 -5.95 -0.86
C ILE A 280 2.47 -5.08 0.38
N PRO A 281 3.43 -5.16 1.29
CA PRO A 281 3.38 -4.30 2.46
C PRO A 281 3.73 -2.90 2.07
N LYS A 282 3.13 -1.92 2.76
CA LYS A 282 3.63 -0.55 2.72
C LYS A 282 4.40 -0.14 3.97
N ALA A 283 4.31 -0.89 5.04
CA ALA A 283 4.95 -0.59 6.30
C ALA A 283 5.88 -1.72 6.67
N ILE A 284 6.99 -1.38 7.28
CA ILE A 284 7.94 -2.36 7.75
C ILE A 284 8.27 -1.92 9.15
N HIS A 285 8.42 -2.89 10.08
CA HIS A 285 9.02 -2.58 11.38
C HIS A 285 10.07 -3.58 11.71
N VAL A 286 11.20 -3.11 12.16
CA VAL A 286 12.25 -3.94 12.74
C VAL A 286 11.95 -4.08 14.22
N VAL A 287 12.18 -5.27 14.76
CA VAL A 287 11.79 -5.63 16.10
C VAL A 287 12.96 -6.32 16.77
N ALA A 288 13.52 -5.66 17.77
CA ALA A 288 14.51 -6.25 18.68
C ALA A 288 13.90 -6.67 20.01
N VAL A 289 14.06 -7.94 20.38
CA VAL A 289 13.96 -8.36 21.78
C VAL A 289 15.29 -8.08 22.45
N THR A 290 15.28 -7.32 23.54
CA THR A 290 16.51 -7.06 24.30
C THR A 290 16.92 -8.29 25.11
N GLU A 291 18.17 -8.29 25.58
CA GLU A 291 18.61 -9.42 26.42
C GLU A 291 17.86 -9.43 27.76
N ASP A 292 17.42 -8.26 28.20
CA ASP A 292 16.47 -8.07 29.29
C ASP A 292 15.09 -8.67 29.01
N LEU A 293 14.75 -8.92 27.75
CA LEU A 293 13.51 -9.53 27.25
C LEU A 293 12.42 -8.49 26.98
N ASP A 294 12.61 -7.23 27.35
CA ASP A 294 11.76 -6.17 26.84
C ASP A 294 11.79 -6.18 25.31
N ILE A 295 10.76 -5.60 24.70
CA ILE A 295 10.63 -5.63 23.25
C ILE A 295 10.63 -4.22 22.70
N VAL A 296 11.44 -4.00 21.68
CA VAL A 296 11.61 -2.68 21.08
C VAL A 296 11.37 -2.79 19.58
N SER A 297 10.75 -1.77 18.98
CA SER A 297 10.51 -1.77 17.55
C SER A 297 10.71 -0.39 16.96
N ARG A 298 11.31 -0.32 15.76
CA ARG A 298 11.28 0.89 14.95
C ARG A 298 10.64 0.59 13.59
N GLY A 299 9.97 1.59 13.04
CA GLY A 299 9.11 1.38 11.90
C GLY A 299 9.15 2.51 10.91
N ARG A 300 8.61 2.21 9.73
CA ARG A 300 8.41 3.21 8.69
C ARG A 300 7.34 2.79 7.71
N THR A 301 6.36 3.64 7.52
CA THR A 301 5.38 3.47 6.45
C THR A 301 5.87 4.17 5.18
N PHE A 302 5.84 3.47 4.08
CA PHE A 302 6.01 4.18 2.84
C PHE A 302 4.67 4.43 2.19
N PRO A 303 4.63 5.38 1.23
CA PRO A 303 3.43 5.58 0.41
C PRO A 303 3.41 4.62 -0.75
N HIS A 304 4.17 3.53 -0.69
CA HIS A 304 4.20 2.55 -1.77
C HIS A 304 4.70 1.20 -1.26
N GLY A 305 4.42 0.17 -2.04
CA GLY A 305 4.86 -1.16 -1.68
C GLY A 305 6.36 -1.23 -1.49
N ILE A 306 6.75 -2.27 -0.73
CA ILE A 306 8.11 -2.45 -0.24
C ILE A 306 8.70 -3.61 -1.00
N SER A 307 9.65 -3.32 -1.89
CA SER A 307 10.39 -4.40 -2.54
C SER A 307 11.30 -5.03 -1.50
N LYS A 308 11.76 -6.23 -1.78
CA LYS A 308 12.67 -6.85 -0.82
C LYS A 308 13.93 -6.01 -0.67
N GLU A 309 14.41 -5.43 -1.77
CA GLU A 309 15.64 -4.67 -1.68
C GLU A 309 15.41 -3.49 -0.78
N THR A 310 14.27 -2.82 -0.93
CA THR A 310 13.85 -1.78 0.00
C THR A 310 13.86 -2.31 1.43
N ALA A 311 13.17 -3.43 1.66
CA ALA A 311 13.11 -4.02 3.00
C ALA A 311 14.48 -4.18 3.59
N TYR A 312 15.45 -4.61 2.77
CA TYR A 312 16.83 -4.76 3.24
C TYR A 312 17.44 -3.44 3.70
N SER A 313 17.33 -2.41 2.86
CA SER A 313 17.96 -1.14 3.19
C SER A 313 17.27 -0.47 4.36
N GLU A 314 15.94 -0.34 4.32
CA GLU A 314 15.23 0.28 5.43
C GLU A 314 15.43 -0.54 6.71
N SER A 315 15.38 -1.88 6.61
CA SER A 315 15.54 -2.69 7.82
C SER A 315 16.84 -2.30 8.52
N VAL A 316 17.90 -2.02 7.78
CA VAL A 316 19.16 -1.77 8.45
C VAL A 316 19.19 -0.35 9.01
N LYS A 317 18.45 0.57 8.43
CA LYS A 317 18.38 1.90 9.00
C LYS A 317 17.53 1.86 10.26
N LEU A 318 16.42 1.14 10.21
CA LEU A 318 15.61 1.01 11.41
C LEU A 318 16.37 0.33 12.54
N LEU A 319 17.35 -0.53 12.22
CA LEU A 319 18.13 -1.19 13.28
C LEU A 319 19.10 -0.22 13.94
N GLN A 320 19.96 0.41 13.16
CA GLN A 320 20.77 1.53 13.68
C GLN A 320 19.95 2.50 14.53
N LYS A 321 18.75 2.89 14.08
CA LYS A 321 17.94 3.73 14.93
C LYS A 321 17.64 3.05 16.27
N ILE A 322 17.57 1.72 16.31
CA ILE A 322 17.30 1.04 17.57
C ILE A 322 18.55 0.98 18.43
N LEU A 323 19.73 0.81 17.82
CA LEU A 323 20.99 0.79 18.55
C LEU A 323 21.31 2.15 19.22
N GLU A 324 20.97 3.28 18.57
CA GLU A 324 21.14 4.59 19.22
C GLU A 324 20.17 4.78 20.37
N GLU A 325 18.90 4.48 20.13
CA GLU A 325 17.88 4.84 21.12
C GLU A 325 17.88 3.93 22.34
N ASP A 326 18.66 2.85 22.33
CA ASP A 326 18.70 1.92 23.45
C ASP A 326 20.06 1.24 23.51
N GLU A 327 20.54 1.03 24.74
CA GLU A 327 21.91 0.61 24.94
C GLU A 327 22.04 -0.87 25.23
N ARG A 328 20.93 -1.54 25.57
CA ARG A 328 21.01 -2.93 25.99
C ARG A 328 21.55 -3.79 24.86
N LYS A 329 21.97 -5.00 25.18
CA LYS A 329 22.28 -5.89 24.09
C LYS A 329 20.98 -6.53 23.57
N ILE A 330 21.03 -6.98 22.32
CA ILE A 330 19.87 -7.57 21.64
C ILE A 330 20.06 -9.08 21.59
N ARG A 331 19.00 -9.82 21.90
CA ARG A 331 18.98 -11.28 21.95
C ARG A 331 18.37 -11.86 20.69
N ARG A 332 17.19 -11.34 20.30
CA ARG A 332 16.44 -11.80 19.13
C ARG A 332 16.14 -10.59 18.25
N ILE A 333 16.10 -10.81 16.92
CA ILE A 333 15.83 -9.72 15.96
C ILE A 333 14.92 -10.23 14.86
N GLY A 334 13.97 -9.40 14.48
CA GLY A 334 13.20 -9.74 13.29
C GLY A 334 12.45 -8.56 12.74
N VAL A 335 11.65 -8.84 11.72
CA VAL A 335 10.91 -7.79 11.04
C VAL A 335 9.44 -8.12 11.12
N ALA A 336 8.63 -7.28 10.50
CA ALA A 336 7.20 -7.44 10.51
C ALA A 336 6.63 -6.48 9.49
N PHE A 337 5.93 -7.01 8.50
CA PHE A 337 5.39 -6.19 7.43
C PHE A 337 3.91 -6.02 7.64
N SER A 338 3.42 -4.78 7.44
CA SER A 338 2.00 -4.51 7.62
C SER A 338 1.49 -3.57 6.54
N LYS A 339 0.19 -3.29 6.65
CA LYS A 339 -0.47 -2.29 5.81
C LYS A 339 -0.42 -2.72 4.34
N PHE A 340 -0.96 -3.92 4.07
CA PHE A 340 -0.90 -4.53 2.75
C PHE A 340 -1.79 -3.77 1.76
N ILE A 341 -1.51 -3.93 0.47
CA ILE A 341 -2.14 -3.04 -0.50
C ILE A 341 -3.64 -3.28 -0.75
N MET D 1 -22.29 22.16 -21.70
CA MET D 1 -21.47 21.25 -22.50
C MET D 1 -21.17 19.97 -21.74
N ILE D 2 -20.68 18.97 -22.45
CA ILE D 2 -20.20 17.73 -21.85
C ILE D 2 -18.82 17.42 -22.42
N VAL D 3 -17.84 17.22 -21.55
CA VAL D 3 -16.45 17.06 -21.98
C VAL D 3 -15.97 15.66 -21.66
N LEU D 4 -15.29 15.07 -22.63
CA LEU D 4 -14.75 13.72 -22.54
C LEU D 4 -13.23 13.79 -22.71
N PHE D 5 -12.51 13.22 -21.77
CA PHE D 5 -11.08 13.37 -21.66
C PHE D 5 -10.48 11.99 -21.66
N VAL D 6 -9.48 11.81 -22.50
CA VAL D 6 -8.82 10.54 -22.68
C VAL D 6 -7.37 10.68 -22.26
N ASP D 7 -6.88 9.65 -21.58
CA ASP D 7 -5.53 9.63 -21.03
C ASP D 7 -4.95 8.24 -21.26
N PHE D 8 -3.92 8.13 -22.09
CA PHE D 8 -3.26 6.84 -22.27
C PHE D 8 -2.45 6.47 -21.01
N ASP D 9 -2.54 5.19 -20.63
CA ASP D 9 -2.10 4.72 -19.32
C ASP D 9 -0.64 4.34 -19.35
N TYR D 10 0.03 4.49 -18.21
CA TYR D 10 1.47 4.72 -18.19
C TYR D 10 2.00 5.28 -19.51
N PHE D 11 2.32 4.45 -20.45
CA PHE D 11 2.14 4.86 -21.84
C PHE D 11 3.43 4.82 -22.62
N TYR D 12 4.47 5.55 -22.21
CA TYR D 12 5.77 5.24 -22.82
C TYR D 12 6.09 3.80 -22.52
N ALA D 13 5.75 3.34 -21.31
CA ALA D 13 5.97 1.94 -20.96
C ALA D 13 4.93 1.02 -21.60
N GLN D 14 3.70 1.49 -21.87
CA GLN D 14 2.71 0.62 -22.51
C GLN D 14 3.10 0.33 -23.94
N VAL D 15 3.34 1.42 -24.71
CA VAL D 15 3.86 1.25 -26.08
C VAL D 15 4.98 0.25 -26.10
N GLU D 16 5.94 0.37 -25.17
CA GLU D 16 7.00 -0.62 -25.08
C GLU D 16 6.45 -2.04 -24.86
N GLU D 17 5.44 -2.19 -23.97
CA GLU D 17 4.85 -3.50 -23.70
C GLU D 17 4.14 -4.05 -24.92
N VAL D 18 3.57 -3.16 -25.75
CA VAL D 18 2.80 -3.53 -26.92
C VAL D 18 3.73 -3.73 -28.10
N LEU D 19 4.93 -3.25 -28.00
CA LEU D 19 5.86 -3.50 -29.08
C LEU D 19 6.66 -4.77 -28.83
N ASN D 20 6.62 -5.29 -27.60
CA ASN D 20 7.43 -6.44 -27.20
C ASN D 20 6.69 -7.15 -26.09
N PRO D 21 5.71 -7.98 -26.44
CA PRO D 21 4.74 -8.45 -25.44
C PRO D 21 5.36 -9.29 -24.33
N SER D 22 6.64 -9.63 -24.43
CA SER D 22 7.26 -10.36 -23.32
C SER D 22 7.30 -9.51 -22.07
N LEU D 23 7.27 -8.19 -22.25
CA LEU D 23 7.31 -7.23 -21.16
C LEU D 23 6.03 -7.23 -20.34
N LYS D 24 4.99 -7.93 -20.78
CA LYS D 24 3.73 -7.86 -20.07
C LYS D 24 3.84 -8.54 -18.72
N GLY D 25 3.52 -7.82 -17.66
CA GLY D 25 3.64 -8.34 -16.32
C GLY D 25 4.98 -8.10 -15.63
N LYS D 26 6.06 -7.91 -16.38
CA LYS D 26 7.28 -7.47 -15.74
C LYS D 26 7.14 -5.99 -15.36
N PRO D 27 7.88 -5.52 -14.36
CA PRO D 27 8.02 -4.07 -14.13
C PRO D 27 8.93 -3.45 -15.17
N VAL D 28 8.41 -2.43 -15.89
CA VAL D 28 9.13 -1.76 -16.98
C VAL D 28 9.36 -0.31 -16.61
N VAL D 29 10.60 0.16 -16.80
CA VAL D 29 10.94 1.56 -16.54
C VAL D 29 11.53 2.19 -17.78
N VAL D 30 11.00 3.33 -18.20
CA VAL D 30 11.45 3.92 -19.45
C VAL D 30 12.16 5.21 -19.08
N CYS D 31 13.42 5.29 -19.45
CA CYS D 31 14.36 6.15 -18.74
C CYS D 31 15.13 7.02 -19.71
N VAL D 32 15.53 8.16 -19.18
CA VAL D 32 16.27 9.19 -19.95
C VAL D 32 17.72 9.13 -19.43
N PHE D 33 18.55 8.27 -20.04
CA PHE D 33 19.96 8.23 -19.65
C PHE D 33 20.68 9.49 -20.13
N SER D 34 21.30 10.25 -19.22
CA SER D 34 21.86 11.56 -19.54
C SER D 34 23.39 11.56 -19.68
N GLY D 35 24.01 10.40 -19.91
CA GLY D 35 25.39 10.34 -20.41
C GLY D 35 26.58 10.51 -19.47
N ARG D 36 26.54 11.52 -18.58
CA ARG D 36 27.64 11.80 -17.66
C ARG D 36 28.31 10.49 -17.27
N PHE D 37 27.82 9.79 -16.27
CA PHE D 37 28.29 8.43 -15.98
C PHE D 37 27.16 7.44 -16.30
N GLU D 38 27.47 6.15 -16.12
CA GLU D 38 26.49 5.10 -16.41
C GLU D 38 25.30 5.23 -15.49
N ASP D 39 24.11 5.07 -16.06
CA ASP D 39 22.88 5.08 -15.31
C ASP D 39 22.58 6.44 -14.70
N SER D 40 23.33 7.48 -15.07
CA SER D 40 22.88 8.82 -14.74
C SER D 40 21.63 9.12 -15.55
N GLY D 41 20.80 10.01 -15.02
CA GLY D 41 19.58 10.29 -15.73
C GLY D 41 18.35 10.20 -14.84
N ALA D 42 17.20 10.05 -15.46
CA ALA D 42 15.96 10.04 -14.71
C ALA D 42 15.00 9.01 -15.28
N VAL D 43 13.94 8.78 -14.53
CA VAL D 43 12.88 7.87 -14.93
C VAL D 43 11.82 8.73 -15.56
N ALA D 44 11.37 8.32 -16.76
CA ALA D 44 10.40 9.11 -17.51
C ALA D 44 8.98 8.61 -17.23
N THR D 45 8.75 7.32 -17.31
CA THR D 45 7.52 6.74 -16.81
C THR D 45 7.78 5.28 -16.55
N ALA D 46 6.88 4.71 -15.77
CA ALA D 46 7.01 3.32 -15.40
C ALA D 46 5.63 2.69 -15.39
N ASN D 47 5.55 1.46 -15.88
CA ASN D 47 4.26 0.77 -15.80
C ASN D 47 3.93 0.56 -14.35
N TYR D 48 2.71 0.13 -14.08
CA TYR D 48 2.27 0.14 -12.68
C TYR D 48 2.94 -0.97 -11.86
N GLU D 49 3.37 -2.07 -12.49
CA GLU D 49 4.17 -3.08 -11.79
C GLU D 49 5.49 -2.53 -11.28
N ALA D 50 5.70 -1.23 -11.42
CA ALA D 50 6.89 -0.59 -10.90
C ALA D 50 6.49 0.62 -10.08
N ARG D 51 5.41 1.32 -10.44
CA ARG D 51 4.97 2.38 -9.53
C ARG D 51 4.56 1.84 -8.17
N LYS D 52 4.29 0.51 -8.10
CA LYS D 52 3.90 -0.14 -6.86
C LYS D 52 4.95 0.07 -5.79
N PHE D 53 6.22 -0.14 -6.13
CA PHE D 53 7.33 -0.06 -5.20
C PHE D 53 8.07 1.30 -5.20
N GLY D 54 7.52 2.37 -5.77
CA GLY D 54 8.11 3.69 -5.63
C GLY D 54 8.93 4.17 -6.82
N VAL D 55 9.07 3.34 -7.85
CA VAL D 55 9.65 3.73 -9.14
C VAL D 55 8.65 4.53 -9.98
N LYS D 56 8.65 5.85 -9.83
CA LYS D 56 7.72 6.72 -10.55
C LYS D 56 8.52 7.69 -11.38
N ALA D 57 7.81 8.47 -12.19
CA ALA D 57 8.37 9.62 -12.87
C ALA D 57 9.33 10.36 -11.97
N GLY D 58 10.42 10.87 -12.54
CA GLY D 58 11.23 11.86 -11.89
C GLY D 58 12.43 11.37 -11.11
N ILE D 59 12.31 10.24 -10.42
CA ILE D 59 13.37 9.88 -9.47
C ILE D 59 14.61 9.55 -10.28
N PRO D 60 15.81 9.58 -9.70
CA PRO D 60 17.00 9.17 -10.47
C PRO D 60 16.98 7.68 -10.80
N ILE D 61 17.52 7.34 -11.99
CA ILE D 61 17.62 5.95 -12.40
C ILE D 61 18.35 5.14 -11.35
N VAL D 62 19.44 5.67 -10.80
CA VAL D 62 20.21 4.86 -9.89
C VAL D 62 19.35 4.51 -8.69
N GLU D 63 18.54 5.47 -8.19
CA GLU D 63 17.60 5.21 -7.10
C GLU D 63 16.63 4.06 -7.43
N ALA D 64 16.27 3.92 -8.69
CA ALA D 64 15.32 2.91 -9.09
C ALA D 64 15.94 1.52 -9.16
N LYS D 65 17.18 1.42 -9.67
CA LYS D 65 17.89 0.14 -9.63
C LYS D 65 18.20 -0.34 -8.19
N LYS D 66 18.21 0.59 -7.20
CA LYS D 66 18.25 0.18 -5.80
C LYS D 66 16.95 -0.50 -5.43
N ILE D 67 15.83 0.15 -5.75
CA ILE D 67 14.52 -0.40 -5.46
C ILE D 67 14.29 -1.71 -6.23
N LEU D 68 14.42 -1.65 -7.57
CA LEU D 68 14.19 -2.79 -8.49
C LEU D 68 15.44 -3.05 -9.34
N PRO D 69 16.49 -3.61 -8.76
CA PRO D 69 17.72 -3.86 -9.54
C PRO D 69 17.48 -4.73 -10.76
N ASN D 70 16.45 -5.57 -10.69
CA ASN D 70 16.21 -6.60 -11.68
C ASN D 70 14.98 -6.28 -12.55
N ALA D 71 14.72 -5.01 -12.80
CA ALA D 71 13.68 -4.59 -13.73
C ALA D 71 14.23 -4.27 -15.14
N VAL D 72 13.30 -4.15 -16.10
CA VAL D 72 13.62 -3.83 -17.49
C VAL D 72 13.74 -2.32 -17.62
N TYR D 73 14.82 -1.87 -18.24
CA TYR D 73 15.25 -0.47 -18.22
C TYR D 73 15.47 -0.10 -19.67
N LEU D 74 14.39 0.23 -20.33
CA LEU D 74 14.43 0.75 -21.68
C LEU D 74 14.81 2.24 -21.75
N PRO D 75 15.52 2.63 -22.79
CA PRO D 75 15.78 4.03 -23.06
C PRO D 75 14.61 4.64 -23.81
N MET D 76 14.46 5.95 -23.62
CA MET D 76 13.29 6.62 -24.08
C MET D 76 13.34 6.77 -25.59
N ARG D 77 12.21 6.56 -26.22
CA ARG D 77 12.05 6.65 -27.67
C ARG D 77 10.87 7.57 -27.99
N LYS D 78 11.07 8.87 -27.77
CA LYS D 78 9.98 9.81 -27.92
C LYS D 78 9.32 9.67 -29.31
N GLU D 79 10.13 9.39 -30.32
CA GLU D 79 9.66 9.51 -31.70
C GLU D 79 8.66 8.41 -32.00
N VAL D 80 8.85 7.22 -31.41
CA VAL D 80 7.88 6.13 -31.58
C VAL D 80 6.64 6.34 -30.73
N TYR D 81 6.81 6.80 -29.49
CA TYR D 81 5.62 7.10 -28.71
C TYR D 81 4.81 8.18 -29.42
N GLN D 82 5.52 9.15 -30.00
CA GLN D 82 4.85 10.23 -30.71
C GLN D 82 4.05 9.73 -31.94
N GLN D 83 4.58 8.74 -32.66
CA GLN D 83 3.82 8.23 -33.81
C GLN D 83 2.60 7.42 -33.40
N VAL D 84 2.72 6.54 -32.42
CA VAL D 84 1.53 5.87 -31.90
C VAL D 84 0.50 6.88 -31.37
N SER D 85 0.96 7.86 -30.58
CA SER D 85 0.03 8.91 -30.15
C SER D 85 -0.84 9.39 -31.31
N SER D 86 -0.17 9.83 -32.41
CA SER D 86 -0.90 10.44 -33.54
C SER D 86 -1.88 9.49 -34.18
N ARG D 87 -1.56 8.21 -34.21
CA ARG D 87 -2.55 7.24 -34.65
C ARG D 87 -3.77 7.29 -33.76
N ILE D 88 -3.58 7.05 -32.46
CA ILE D 88 -4.70 7.14 -31.53
C ILE D 88 -5.43 8.49 -31.69
N MET D 89 -4.68 9.56 -31.95
CA MET D 89 -5.34 10.85 -32.02
C MET D 89 -6.27 10.93 -33.22
N ASN D 90 -5.83 10.43 -34.37
CA ASN D 90 -6.67 10.37 -35.56
C ASN D 90 -7.91 9.50 -35.32
N LEU D 91 -7.72 8.32 -34.75
CA LEU D 91 -8.88 7.55 -34.28
C LEU D 91 -9.89 8.44 -33.56
N LEU D 92 -9.39 9.27 -32.65
CA LEU D 92 -10.28 10.01 -31.77
C LEU D 92 -11.12 11.04 -32.52
N ARG D 93 -10.52 11.65 -33.55
CA ARG D 93 -11.14 12.80 -34.23
C ARG D 93 -12.47 12.43 -34.85
N GLU D 94 -12.56 11.22 -35.42
CA GLU D 94 -13.85 10.66 -35.82
C GLU D 94 -14.96 11.01 -34.86
N TYR D 95 -14.70 10.86 -33.55
CA TYR D 95 -15.71 10.88 -32.49
C TYR D 95 -16.10 12.28 -32.01
N SER D 96 -15.48 13.34 -32.53
CA SER D 96 -15.87 14.71 -32.27
C SER D 96 -14.91 15.63 -33.03
N GLU D 97 -15.46 16.70 -33.64
CA GLU D 97 -14.66 17.66 -34.39
C GLU D 97 -13.92 18.59 -33.45
N LYS D 98 -14.65 19.14 -32.47
CA LYS D 98 -14.02 19.86 -31.38
C LYS D 98 -13.14 18.90 -30.57
N ILE D 99 -11.84 18.89 -30.85
CA ILE D 99 -10.89 18.07 -30.11
C ILE D 99 -9.67 18.92 -29.78
N GLU D 100 -9.33 18.97 -28.48
CA GLU D 100 -8.12 19.62 -27.98
C GLU D 100 -7.17 18.56 -27.48
N ILE D 101 -6.00 18.50 -28.08
CA ILE D 101 -4.98 17.52 -27.76
C ILE D 101 -4.08 18.16 -26.72
N ALA D 102 -4.21 17.75 -25.46
CA ALA D 102 -3.50 18.38 -24.34
C ALA D 102 -1.99 18.11 -24.38
N SER D 103 -1.60 16.84 -24.31
CA SER D 103 -0.19 16.45 -24.49
C SER D 103 -0.09 15.27 -25.44
N ILE D 104 1.06 14.61 -25.46
CA ILE D 104 1.23 13.39 -26.25
C ILE D 104 0.19 12.32 -25.91
N ASP D 105 -0.41 12.38 -24.70
CA ASP D 105 -1.25 11.30 -24.20
C ASP D 105 -2.48 11.82 -23.44
N GLU D 106 -3.03 12.94 -23.86
CA GLU D 106 -4.16 13.56 -23.16
C GLU D 106 -4.91 14.33 -24.23
N ALA D 107 -6.22 14.05 -24.35
CA ALA D 107 -7.11 14.75 -25.27
C ALA D 107 -8.44 15.05 -24.61
N TYR D 108 -9.03 16.19 -24.98
CA TYR D 108 -10.38 16.58 -24.55
C TYR D 108 -11.27 16.58 -25.78
N LEU D 109 -12.32 15.77 -25.74
CA LEU D 109 -13.34 15.72 -26.78
C LEU D 109 -14.53 16.54 -26.28
N ASP D 110 -14.96 17.53 -27.08
CA ASP D 110 -16.21 18.25 -26.79
C ASP D 110 -17.34 17.53 -27.49
N ILE D 111 -18.01 16.63 -26.76
CA ILE D 111 -19.02 15.76 -27.33
C ILE D 111 -20.43 16.33 -27.10
N SER D 112 -20.52 17.64 -26.85
CA SER D 112 -21.81 18.28 -26.58
C SER D 112 -22.86 17.92 -27.62
N ASP D 113 -22.70 18.42 -28.84
CA ASP D 113 -23.64 18.08 -29.91
C ASP D 113 -23.40 16.67 -30.47
N LYS D 114 -23.21 15.70 -29.57
CA LYS D 114 -23.12 14.29 -29.96
C LYS D 114 -23.94 13.37 -29.08
N VAL D 115 -24.34 13.80 -27.88
CA VAL D 115 -25.13 12.98 -26.96
C VAL D 115 -25.96 13.91 -26.09
N ARG D 116 -26.88 13.30 -25.31
CA ARG D 116 -27.93 14.01 -24.61
C ARG D 116 -27.74 14.01 -23.10
N ASP D 117 -27.48 12.86 -22.48
CA ASP D 117 -27.22 12.83 -21.05
C ASP D 117 -25.94 12.04 -20.76
N TYR D 118 -25.56 12.01 -19.48
CA TYR D 118 -24.27 11.49 -19.07
C TYR D 118 -24.18 9.99 -19.16
N ARG D 119 -25.30 9.31 -19.23
CA ARG D 119 -25.25 7.90 -19.57
C ARG D 119 -25.06 7.72 -21.07
N GLU D 120 -25.65 8.59 -21.90
CA GLU D 120 -25.38 8.48 -23.33
C GLU D 120 -23.89 8.56 -23.62
N ALA D 121 -23.15 9.29 -22.78
CA ALA D 121 -21.72 9.51 -22.91
C ALA D 121 -20.93 8.40 -22.25
N TYR D 122 -21.41 7.86 -21.13
CA TYR D 122 -20.83 6.66 -20.55
C TYR D 122 -20.57 5.66 -21.68
N ASN D 123 -21.48 5.57 -22.63
CA ASN D 123 -21.39 4.53 -23.64
C ASN D 123 -20.51 4.91 -24.81
N LEU D 124 -20.48 6.19 -25.22
CA LEU D 124 -19.45 6.64 -26.16
C LEU D 124 -18.05 6.48 -25.59
N GLY D 125 -17.91 6.62 -24.26
CA GLY D 125 -16.68 6.27 -23.59
C GLY D 125 -16.19 4.89 -23.96
N LEU D 126 -17.00 3.88 -23.67
CA LEU D 126 -16.53 2.52 -23.93
C LEU D 126 -16.37 2.27 -25.41
N GLU D 127 -17.27 2.79 -26.26
CA GLU D 127 -17.02 2.70 -27.70
C GLU D 127 -15.59 3.10 -28.03
N ILE D 128 -15.08 4.14 -27.35
CA ILE D 128 -13.75 4.69 -27.58
C ILE D 128 -12.66 3.92 -26.86
N LYS D 129 -12.89 3.45 -25.62
CA LYS D 129 -11.89 2.57 -25.03
C LYS D 129 -11.72 1.32 -25.87
N ASN D 130 -12.84 0.80 -26.40
CA ASN D 130 -12.80 -0.36 -27.26
C ASN D 130 -12.02 -0.04 -28.52
N LYS D 131 -12.43 0.98 -29.25
CA LYS D 131 -11.85 1.22 -30.57
C LYS D 131 -10.34 1.47 -30.49
N ILE D 132 -9.83 1.94 -29.36
CA ILE D 132 -8.39 2.14 -29.23
C ILE D 132 -7.74 0.83 -28.90
N LEU D 133 -8.34 0.07 -27.98
CA LEU D 133 -7.83 -1.27 -27.72
C LEU D 133 -7.75 -2.03 -29.03
N GLU D 134 -8.86 -2.08 -29.76
CA GLU D 134 -8.94 -2.76 -31.05
C GLU D 134 -7.79 -2.33 -31.96
N LYS D 135 -7.73 -1.05 -32.29
CA LYS D 135 -6.76 -0.62 -33.28
C LYS D 135 -5.34 -0.66 -32.74
N GLU D 136 -5.13 -0.45 -31.44
CA GLU D 136 -3.74 -0.29 -31.03
C GLU D 136 -3.35 -1.15 -29.85
N LYS D 137 -4.26 -1.92 -29.27
CA LYS D 137 -3.92 -2.65 -28.06
C LYS D 137 -3.37 -1.72 -26.97
N ILE D 138 -3.94 -0.53 -26.84
CA ILE D 138 -3.59 0.47 -25.84
C ILE D 138 -4.82 0.72 -24.95
N THR D 139 -4.69 0.52 -23.65
CA THR D 139 -5.77 0.85 -22.75
C THR D 139 -5.68 2.34 -22.44
N VAL D 140 -6.83 3.00 -22.34
CA VAL D 140 -6.90 4.39 -21.95
C VAL D 140 -7.85 4.55 -20.77
N THR D 141 -8.04 5.76 -20.32
CA THR D 141 -8.92 6.04 -19.20
C THR D 141 -9.75 7.25 -19.59
N VAL D 142 -11.07 7.13 -19.49
CA VAL D 142 -11.96 8.16 -19.97
C VAL D 142 -12.61 8.80 -18.76
N GLY D 143 -12.67 10.14 -18.76
CA GLY D 143 -13.37 10.84 -17.69
C GLY D 143 -14.35 11.83 -18.26
N ILE D 144 -15.59 11.84 -17.79
CA ILE D 144 -16.69 12.55 -18.43
C ILE D 144 -17.34 13.52 -17.48
N SER D 145 -17.59 14.75 -17.93
CA SER D 145 -18.16 15.76 -17.05
C SER D 145 -18.30 17.12 -17.75
N LYS D 146 -18.59 18.20 -16.99
CA LYS D 146 -19.20 19.40 -17.56
C LYS D 146 -18.19 20.39 -18.11
N ASN D 147 -16.93 20.28 -17.69
CA ASN D 147 -15.85 21.12 -18.19
C ASN D 147 -14.59 20.27 -18.26
N LYS D 148 -13.57 20.84 -18.87
CA LYS D 148 -12.29 20.16 -18.98
C LYS D 148 -11.77 19.78 -17.60
N VAL D 149 -11.64 20.76 -16.71
CA VAL D 149 -11.05 20.50 -15.38
C VAL D 149 -11.70 19.29 -14.74
N PHE D 150 -13.00 19.33 -14.53
CA PHE D 150 -13.62 18.23 -13.81
C PHE D 150 -13.59 16.93 -14.60
N ALA D 151 -13.63 16.99 -15.93
CA ALA D 151 -13.48 15.77 -16.73
C ALA D 151 -12.11 15.14 -16.53
N LYS D 152 -11.05 15.96 -16.46
CA LYS D 152 -9.73 15.42 -16.14
C LYS D 152 -9.66 14.90 -14.71
N ILE D 153 -10.36 15.54 -13.76
CA ILE D 153 -10.41 14.98 -12.40
C ILE D 153 -11.13 13.66 -12.41
N ALA D 154 -12.19 13.56 -13.20
CA ALA D 154 -12.88 12.29 -13.40
C ALA D 154 -11.89 11.17 -13.72
N ALA D 155 -11.00 11.42 -14.69
CA ALA D 155 -10.07 10.41 -15.17
C ALA D 155 -8.97 10.12 -14.18
N ASP D 156 -8.50 11.12 -13.43
CA ASP D 156 -7.42 10.91 -12.45
C ASP D 156 -7.85 9.90 -11.39
N MET D 157 -9.16 9.81 -11.17
CA MET D 157 -9.67 8.92 -10.14
C MET D 157 -9.80 7.51 -10.65
N ALA D 158 -10.13 7.36 -11.95
CA ALA D 158 -10.49 6.07 -12.52
C ALA D 158 -9.29 5.29 -13.03
N LYS D 159 -8.07 5.88 -12.98
CA LYS D 159 -7.03 5.18 -13.71
C LYS D 159 -6.36 4.14 -12.84
N PRO D 160 -5.91 3.06 -13.45
CA PRO D 160 -5.83 2.79 -14.88
C PRO D 160 -7.03 2.04 -15.42
N ASN D 161 -7.03 1.97 -16.76
CA ASN D 161 -8.07 1.40 -17.61
C ASN D 161 -9.46 1.51 -17.02
N GLY D 162 -9.96 2.74 -16.93
CA GLY D 162 -11.21 3.01 -16.25
C GLY D 162 -12.05 4.04 -16.99
N ILE D 163 -13.17 4.36 -16.36
CA ILE D 163 -14.11 5.36 -16.88
C ILE D 163 -14.93 5.77 -15.68
N LYS D 164 -15.10 7.08 -15.53
CA LYS D 164 -15.82 7.73 -14.45
C LYS D 164 -16.68 8.83 -15.06
N VAL D 165 -17.79 9.10 -14.39
CA VAL D 165 -18.61 10.27 -14.70
C VAL D 165 -18.73 11.09 -13.42
N ILE D 166 -18.84 12.38 -13.63
CA ILE D 166 -18.97 13.39 -12.59
C ILE D 166 -20.21 14.21 -12.94
N ASP D 167 -21.33 13.89 -12.29
CA ASP D 167 -22.61 14.57 -12.51
C ASP D 167 -22.66 15.88 -11.70
N ASP D 168 -23.68 16.70 -11.97
CA ASP D 168 -23.70 18.01 -11.35
C ASP D 168 -23.71 17.91 -9.82
N GLU D 169 -24.31 16.84 -9.25
CA GLU D 169 -24.26 16.66 -7.81
C GLU D 169 -22.84 16.37 -7.33
N GLU D 170 -22.14 15.47 -8.04
CA GLU D 170 -20.75 15.16 -7.74
C GLU D 170 -19.82 16.36 -7.95
N VAL D 171 -20.19 17.30 -8.84
CA VAL D 171 -19.41 18.54 -8.95
C VAL D 171 -19.42 19.28 -7.63
N LYS D 172 -20.63 19.47 -7.07
CA LYS D 172 -20.78 20.26 -5.85
C LYS D 172 -20.25 19.51 -4.63
N ARG D 173 -20.37 18.19 -4.63
CA ARG D 173 -19.74 17.39 -3.60
C ARG D 173 -18.22 17.62 -3.53
N LEU D 174 -17.57 17.90 -4.67
CA LEU D 174 -16.12 18.00 -4.75
C LEU D 174 -15.60 19.42 -4.62
N ILE D 175 -16.35 20.41 -5.11
CA ILE D 175 -16.07 21.78 -4.69
C ILE D 175 -15.97 21.84 -3.18
N ARG D 176 -16.74 21.00 -2.48
CA ARG D 176 -16.73 20.92 -1.03
C ARG D 176 -15.63 19.95 -0.57
N GLU D 177 -15.68 18.71 -1.02
CA GLU D 177 -14.88 17.68 -0.36
C GLU D 177 -13.52 17.38 -1.00
N LEU D 178 -13.19 17.94 -2.18
CA LEU D 178 -11.98 17.56 -2.91
C LEU D 178 -10.74 18.33 -2.44
N ASP D 179 -9.63 17.61 -2.32
CA ASP D 179 -8.37 18.15 -1.81
C ASP D 179 -7.75 19.10 -2.83
N ILE D 180 -7.75 20.39 -2.51
CA ILE D 180 -7.44 21.40 -3.51
C ILE D 180 -6.12 21.18 -4.26
N ALA D 181 -5.16 20.45 -3.70
CA ALA D 181 -3.91 20.23 -4.43
C ALA D 181 -3.99 19.06 -5.43
N ASP D 182 -5.10 18.36 -5.43
CA ASP D 182 -5.41 17.40 -6.45
C ASP D 182 -6.24 18.00 -7.58
N VAL D 183 -6.39 19.33 -7.59
CA VAL D 183 -6.99 20.02 -8.73
C VAL D 183 -5.93 20.23 -9.80
N PRO D 184 -6.31 20.14 -11.08
CA PRO D 184 -5.36 20.41 -12.15
C PRO D 184 -4.74 21.79 -12.08
N GLY D 185 -3.42 21.84 -12.28
CA GLY D 185 -2.65 23.06 -12.15
C GLY D 185 -2.19 23.35 -10.75
N ILE D 186 -2.45 22.45 -9.81
CA ILE D 186 -2.01 22.65 -8.45
C ILE D 186 -0.99 21.55 -8.12
N GLY D 187 0.23 21.87 -8.52
CA GLY D 187 1.39 21.23 -7.99
C GLY D 187 1.59 21.81 -6.62
N ASN D 188 2.81 22.23 -6.31
CA ASN D 188 3.23 22.20 -4.93
C ASN D 188 3.50 23.59 -4.37
N ILE D 189 4.36 24.36 -5.00
CA ILE D 189 4.55 25.76 -4.60
C ILE D 189 3.19 26.43 -4.35
N THR D 190 2.15 25.94 -5.03
CA THR D 190 0.81 26.48 -4.83
C THR D 190 0.10 25.78 -3.69
N ALA D 191 0.21 24.46 -3.60
CA ALA D 191 -0.50 23.72 -2.55
C ALA D 191 -0.07 24.20 -1.17
N GLU D 192 1.24 24.42 -1.01
CA GLU D 192 1.78 24.93 0.26
C GLU D 192 1.33 26.37 0.51
N LYS D 193 1.56 27.27 -0.46
CA LYS D 193 1.10 28.64 -0.38
C LYS D 193 -0.41 28.72 -0.08
N LEU D 194 -1.10 27.57 -0.19
CA LEU D 194 -2.54 27.49 0.02
C LEU D 194 -2.94 26.96 1.40
N LYS D 195 -2.26 25.93 1.91
CA LYS D 195 -2.43 25.52 3.31
C LYS D 195 -1.80 26.55 4.26
N LYS D 196 -0.75 27.24 3.80
CA LYS D 196 -0.31 28.48 4.45
C LYS D 196 -1.48 29.39 4.77
N LEU D 197 -2.61 29.24 4.05
CA LEU D 197 -3.79 30.08 4.16
C LEU D 197 -5.03 29.31 4.59
N GLY D 198 -4.82 28.17 5.25
CA GLY D 198 -5.88 27.39 5.82
C GLY D 198 -6.88 26.87 4.80
N ILE D 199 -6.51 26.97 3.53
CA ILE D 199 -7.36 26.53 2.43
C ILE D 199 -6.98 25.11 2.10
N ASN D 200 -7.95 24.19 2.17
CA ASN D 200 -7.72 22.78 1.88
C ASN D 200 -8.81 22.15 1.01
N LYS D 201 -9.84 22.90 0.61
CA LYS D 201 -10.81 22.48 -0.38
C LYS D 201 -11.12 23.69 -1.24
N LEU D 202 -11.80 23.46 -2.35
CA LEU D 202 -12.03 24.58 -3.27
C LEU D 202 -12.89 25.65 -2.60
N VAL D 203 -13.92 25.24 -1.87
CA VAL D 203 -14.84 26.18 -1.19
C VAL D 203 -14.07 27.28 -0.47
N ASP D 204 -13.00 26.90 0.23
CA ASP D 204 -12.27 27.80 1.11
C ASP D 204 -11.76 29.05 0.39
N THR D 205 -12.08 29.19 -0.89
CA THR D 205 -11.58 30.32 -1.68
C THR D 205 -12.60 31.44 -1.79
N LEU D 206 -13.85 31.18 -1.41
CA LEU D 206 -14.89 32.17 -1.57
C LEU D 206 -14.94 33.12 -0.38
N SER D 207 -14.94 32.56 0.82
CA SER D 207 -14.74 33.34 2.03
C SER D 207 -13.62 34.34 1.80
N ILE D 208 -12.40 33.82 1.63
CA ILE D 208 -11.16 34.60 1.60
C ILE D 208 -11.40 35.80 0.70
N GLU D 209 -10.63 36.86 0.90
CA GLU D 209 -10.82 38.09 0.17
C GLU D 209 -9.93 37.97 -1.06
N PHE D 210 -10.54 38.20 -2.24
CA PHE D 210 -9.88 37.82 -3.48
C PHE D 210 -8.44 38.31 -3.53
N ASP D 211 -8.20 39.50 -2.98
CA ASP D 211 -6.89 40.13 -3.11
C ASP D 211 -5.82 39.41 -2.30
N LYS D 212 -6.21 38.63 -1.29
CA LYS D 212 -5.25 37.88 -0.49
C LYS D 212 -4.72 36.66 -1.23
N LEU D 213 -5.63 35.85 -1.81
CA LEU D 213 -5.30 34.85 -2.81
C LEU D 213 -4.39 35.41 -3.90
N LYS D 214 -4.82 36.50 -4.51
CA LYS D 214 -4.03 37.13 -5.56
C LYS D 214 -2.57 37.37 -5.14
N GLY D 215 -2.31 37.61 -3.87
CA GLY D 215 -0.94 37.89 -3.47
C GLY D 215 -0.12 36.63 -3.32
N MET D 216 -0.72 35.61 -2.72
CA MET D 216 0.02 34.40 -2.46
C MET D 216 0.27 33.62 -3.77
N ILE D 217 -0.70 33.56 -4.67
CA ILE D 217 -0.64 32.60 -5.78
C ILE D 217 -0.75 33.26 -7.14
N GLY D 218 -1.37 34.40 -7.30
CA GLY D 218 -1.41 35.11 -8.56
C GLY D 218 -2.83 35.44 -8.96
N GLU D 219 -2.99 36.48 -9.78
CA GLU D 219 -4.33 36.90 -10.19
C GLU D 219 -5.00 35.86 -11.09
N ALA D 220 -4.21 35.15 -11.88
CA ALA D 220 -4.77 34.16 -12.79
C ALA D 220 -5.10 32.88 -12.05
N LYS D 221 -4.16 32.38 -11.26
CA LYS D 221 -4.45 31.19 -10.47
C LYS D 221 -5.65 31.44 -9.57
N ALA D 222 -5.76 32.65 -9.04
CA ALA D 222 -6.82 32.97 -8.08
C ALA D 222 -8.18 33.02 -8.75
N LYS D 223 -8.32 33.85 -9.77
CA LYS D 223 -9.60 33.86 -10.47
C LYS D 223 -9.91 32.48 -11.05
N TYR D 224 -8.89 31.68 -11.31
CA TYR D 224 -9.12 30.33 -11.80
C TYR D 224 -9.82 29.50 -10.76
N LEU D 225 -9.27 29.46 -9.54
CA LEU D 225 -9.80 28.56 -8.52
C LEU D 225 -11.10 29.07 -7.96
N ILE D 226 -11.21 30.40 -7.86
CA ILE D 226 -12.46 31.06 -7.50
C ILE D 226 -13.56 30.68 -8.48
N SER D 227 -13.30 30.94 -9.77
CA SER D 227 -14.26 30.56 -10.81
C SER D 227 -14.57 29.07 -10.78
N LEU D 228 -13.61 28.25 -10.38
CA LEU D 228 -13.92 26.84 -10.29
C LEU D 228 -14.87 26.56 -9.14
N ALA D 229 -14.59 27.10 -7.95
CA ALA D 229 -15.44 26.79 -6.80
C ALA D 229 -16.86 27.30 -7.00
N ARG D 230 -17.01 28.40 -7.72
CA ARG D 230 -18.33 28.87 -8.09
C ARG D 230 -19.02 27.96 -9.08
N ASP D 231 -18.55 26.75 -9.44
CA ASP D 231 -19.19 25.93 -10.48
C ASP D 231 -19.50 26.79 -11.73
N GLU D 232 -18.79 27.90 -11.89
CA GLU D 232 -18.94 28.79 -13.03
C GLU D 232 -17.74 28.68 -13.97
N TYR D 233 -16.96 27.61 -13.88
CA TYR D 233 -15.90 27.36 -14.85
C TYR D 233 -16.54 26.65 -16.03
N ASN D 234 -16.26 27.16 -17.21
CA ASN D 234 -16.59 26.44 -18.43
C ASN D 234 -15.56 26.87 -19.46
N GLU D 235 -15.02 25.90 -20.19
CA GLU D 235 -13.89 26.21 -21.04
C GLU D 235 -14.16 25.67 -22.43
N PRO D 236 -13.80 26.42 -23.47
CA PRO D 236 -13.95 25.90 -24.83
C PRO D 236 -12.81 24.96 -25.16
N ILE D 237 -13.16 23.79 -25.70
CA ILE D 237 -12.16 22.88 -26.21
C ILE D 237 -11.52 23.51 -27.44
N ARG D 238 -10.22 23.75 -27.38
CA ARG D 238 -9.54 24.51 -28.42
C ARG D 238 -8.36 23.73 -28.93
N THR D 239 -8.26 23.62 -30.24
CA THR D 239 -7.10 22.98 -30.81
C THR D 239 -5.87 23.77 -30.38
N ARG D 240 -5.02 23.16 -29.57
CA ARG D 240 -3.89 23.90 -29.06
C ARG D 240 -2.87 24.08 -30.17
N VAL D 241 -2.06 25.12 -30.03
CA VAL D 241 -1.08 25.48 -31.04
C VAL D 241 0.25 25.77 -30.39
N ARG D 242 1.32 25.24 -30.98
CA ARG D 242 2.62 25.17 -30.32
C ARG D 242 3.29 26.53 -30.40
N LYS D 243 3.38 27.22 -29.27
CA LYS D 243 3.94 28.54 -29.23
C LYS D 243 5.45 28.52 -29.02
N SER D 244 6.05 27.34 -28.91
CA SER D 244 7.50 27.26 -28.78
C SER D 244 7.97 25.84 -29.06
N ILE D 245 9.24 25.71 -29.43
CA ILE D 245 9.91 24.46 -29.79
C ILE D 245 11.35 24.67 -29.45
N GLY D 246 12.03 23.67 -28.91
CA GLY D 246 13.43 23.84 -28.61
C GLY D 246 14.04 22.63 -27.97
N ARG D 247 15.27 22.81 -27.51
CA ARG D 247 16.04 21.69 -26.99
C ARG D 247 17.05 22.20 -25.98
N ILE D 248 17.04 21.62 -24.79
CA ILE D 248 18.11 21.75 -23.82
C ILE D 248 18.83 20.40 -23.72
N VAL D 249 20.13 20.40 -23.99
CA VAL D 249 20.91 19.19 -23.90
C VAL D 249 21.72 19.21 -22.60
N THR D 250 22.14 18.03 -22.19
CA THR D 250 23.01 17.87 -21.04
C THR D 250 24.47 17.76 -21.48
N MET D 251 25.36 18.28 -20.66
CA MET D 251 26.79 18.26 -20.93
C MET D 251 27.51 17.24 -20.05
N LYS D 252 28.59 16.66 -20.58
CA LYS D 252 29.35 15.70 -19.79
C LYS D 252 29.84 16.34 -18.51
N ARG D 253 30.58 17.45 -18.64
CA ARG D 253 31.09 18.20 -17.49
C ARG D 253 30.47 19.58 -17.45
N ASN D 254 30.32 20.10 -16.24
CA ASN D 254 29.87 21.48 -16.07
C ASN D 254 31.02 22.42 -16.36
N SER D 255 30.71 23.57 -16.98
CA SER D 255 31.75 24.51 -17.37
C SER D 255 31.15 25.87 -17.64
N ARG D 256 31.91 26.92 -17.31
CA ARG D 256 31.66 28.24 -17.88
C ARG D 256 32.52 28.49 -19.11
N ASN D 257 33.38 27.52 -19.48
CA ASN D 257 34.22 27.59 -20.67
C ASN D 257 33.37 27.75 -21.93
N LEU D 258 33.58 28.84 -22.68
CA LEU D 258 32.74 29.08 -23.85
C LEU D 258 32.99 28.04 -24.96
N GLU D 259 34.25 27.73 -25.27
CA GLU D 259 34.48 26.86 -26.42
C GLU D 259 33.95 25.46 -26.17
N GLU D 260 33.90 25.05 -24.91
CA GLU D 260 33.33 23.76 -24.52
C GLU D 260 31.83 23.67 -24.78
N ILE D 261 31.14 24.81 -24.88
CA ILE D 261 29.69 24.83 -24.96
C ILE D 261 29.15 25.12 -26.37
N LYS D 262 29.98 25.58 -27.29
CA LYS D 262 29.48 25.78 -28.65
C LYS D 262 28.99 24.48 -29.30
N PRO D 263 29.79 23.39 -29.43
CA PRO D 263 29.17 22.08 -29.71
C PRO D 263 27.80 21.88 -29.11
N TYR D 264 27.71 21.89 -27.78
CA TYR D 264 26.47 21.46 -27.14
C TYR D 264 25.32 22.44 -27.40
N LEU D 265 25.60 23.73 -27.41
CA LEU D 265 24.59 24.69 -27.83
C LEU D 265 24.21 24.47 -29.28
N PHE D 266 25.16 24.70 -30.19
CA PHE D 266 24.92 24.46 -31.62
C PHE D 266 24.14 23.17 -31.88
N ARG D 267 24.51 22.08 -31.20
CA ARG D 267 23.75 20.84 -31.27
C ARG D 267 22.27 21.06 -31.03
N ALA D 268 21.93 21.79 -29.96
CA ALA D 268 20.53 21.94 -29.59
C ALA D 268 19.78 22.71 -30.65
N ILE D 269 20.46 23.62 -31.35
CA ILE D 269 19.83 24.36 -32.45
C ILE D 269 19.43 23.42 -33.57
N GLU D 270 20.37 22.60 -34.04
CA GLU D 270 20.06 21.72 -35.17
C GLU D 270 18.89 20.82 -34.83
N GLU D 271 18.95 20.15 -33.70
CA GLU D 271 17.78 19.46 -33.19
C GLU D 271 16.56 20.36 -33.35
N SER D 272 16.69 21.62 -32.95
CA SER D 272 15.50 22.45 -32.84
C SER D 272 14.93 22.83 -34.20
N TYR D 273 15.80 23.05 -35.20
CA TYR D 273 15.32 23.39 -36.53
C TYR D 273 14.68 22.20 -37.23
N TYR D 274 15.23 20.99 -37.05
CA TYR D 274 14.51 19.79 -37.48
C TYR D 274 13.10 19.80 -36.90
N LYS D 275 12.99 19.91 -35.58
CA LYS D 275 11.69 19.81 -34.93
C LYS D 275 10.78 20.94 -35.35
N LEU D 276 11.36 22.09 -35.69
CA LEU D 276 10.58 23.17 -36.29
C LEU D 276 9.86 22.72 -37.57
N ASP D 277 10.51 21.88 -38.39
CA ASP D 277 10.01 21.49 -39.71
C ASP D 277 9.78 22.77 -40.51
N LYS D 278 8.53 23.07 -40.86
CA LYS D 278 8.22 24.13 -41.80
C LYS D 278 7.93 25.49 -41.17
N ARG D 279 8.06 25.65 -39.86
CA ARG D 279 7.81 26.93 -39.24
C ARG D 279 9.08 27.78 -39.19
N ILE D 280 8.95 29.04 -39.12
CA ILE D 280 10.10 29.99 -39.06
C ILE D 280 9.99 30.82 -37.80
N PRO D 281 10.99 30.84 -36.96
CA PRO D 281 10.89 31.59 -35.72
C PRO D 281 11.44 32.99 -35.86
N LYS D 282 10.81 33.95 -35.19
CA LYS D 282 11.33 35.31 -35.08
C LYS D 282 12.00 35.60 -33.75
N ALA D 283 12.05 34.63 -32.84
CA ALA D 283 12.59 34.90 -31.53
C ALA D 283 13.42 33.70 -31.09
N ILE D 284 14.31 33.94 -30.14
CA ILE D 284 15.22 32.87 -29.77
C ILE D 284 15.71 33.08 -28.34
N HIS D 285 15.65 32.02 -27.56
CA HIS D 285 16.26 32.02 -26.24
C HIS D 285 17.29 30.93 -26.12
N VAL D 286 18.40 31.27 -25.62
CA VAL D 286 19.29 30.28 -25.06
C VAL D 286 18.90 30.10 -23.61
N VAL D 287 19.00 28.86 -23.10
CA VAL D 287 18.50 28.50 -21.78
C VAL D 287 19.57 27.68 -21.07
N ALA D 288 19.92 28.09 -19.85
CA ALA D 288 21.00 27.45 -19.10
C ALA D 288 20.52 26.98 -17.73
N VAL D 289 21.06 25.83 -17.31
CA VAL D 289 20.86 25.31 -15.96
C VAL D 289 22.17 25.52 -15.20
N THR D 290 22.13 26.37 -14.17
CA THR D 290 23.24 26.53 -13.26
C THR D 290 23.59 25.18 -12.62
N GLU D 291 24.77 25.09 -12.00
CA GLU D 291 25.11 23.83 -11.35
C GLU D 291 24.13 23.49 -10.21
N ASP D 292 23.57 24.50 -9.55
CA ASP D 292 22.60 24.26 -8.48
C ASP D 292 21.17 24.11 -9.00
N LEU D 293 20.97 24.03 -10.31
CA LEU D 293 19.71 23.80 -11.02
C LEU D 293 18.78 25.02 -11.10
N ASP D 294 19.21 26.23 -10.68
CA ASP D 294 18.48 27.44 -11.06
C ASP D 294 18.57 27.58 -12.57
N ILE D 295 17.52 28.14 -13.18
CA ILE D 295 17.46 28.32 -14.62
C ILE D 295 17.88 29.74 -14.93
N VAL D 296 18.32 29.96 -16.17
CA VAL D 296 18.72 31.28 -16.66
C VAL D 296 18.60 31.35 -18.19
N SER D 297 17.82 32.31 -18.69
CA SER D 297 17.60 32.52 -20.13
C SER D 297 18.06 33.90 -20.58
N ARG D 298 18.41 34.02 -21.87
CA ARG D 298 18.53 35.30 -22.57
C ARG D 298 18.01 35.14 -23.99
N GLY D 299 17.34 36.16 -24.51
CA GLY D 299 16.65 36.04 -25.78
C GLY D 299 16.70 37.30 -26.60
N ARG D 300 16.13 37.19 -27.79
CA ARG D 300 16.12 38.26 -28.78
C ARG D 300 14.93 38.00 -29.70
N THR D 301 14.12 39.02 -29.94
CA THR D 301 13.12 38.95 -31.01
C THR D 301 13.58 39.74 -32.23
N PHE D 302 12.99 39.42 -33.37
CA PHE D 302 13.30 39.98 -34.67
C PHE D 302 11.98 40.39 -35.28
N PRO D 303 12.00 41.36 -36.23
CA PRO D 303 10.86 41.55 -37.11
C PRO D 303 10.82 40.52 -38.21
N HIS D 304 11.72 39.56 -38.12
CA HIS D 304 12.08 38.78 -39.28
C HIS D 304 12.54 37.38 -38.89
N GLY D 305 12.22 36.45 -39.80
CA GLY D 305 12.52 35.04 -39.59
C GLY D 305 14.00 34.81 -39.37
N ILE D 306 14.31 33.67 -38.78
CA ILE D 306 15.69 33.31 -38.46
C ILE D 306 16.11 32.19 -39.40
N SER D 307 17.29 32.37 -40.00
CA SER D 307 18.03 31.28 -40.60
C SER D 307 18.95 30.66 -39.55
N LYS D 308 19.01 29.33 -39.55
CA LYS D 308 19.94 28.64 -38.65
C LYS D 308 21.36 29.20 -38.76
N GLU D 309 21.64 29.96 -39.82
CA GLU D 309 22.85 30.79 -39.85
C GLU D 309 22.74 31.92 -38.85
N THR D 310 21.66 32.71 -38.94
CA THR D 310 21.40 33.73 -37.92
C THR D 310 21.23 33.07 -36.55
N ALA D 311 20.38 32.03 -36.48
CA ALA D 311 20.21 31.31 -35.22
C ALA D 311 21.55 30.88 -34.67
N TYR D 312 22.46 30.54 -35.56
CA TYR D 312 23.80 30.17 -35.14
C TYR D 312 24.51 31.33 -34.41
N SER D 313 24.45 32.54 -34.97
CA SER D 313 25.26 33.63 -34.40
C SER D 313 24.61 34.28 -33.18
N GLU D 314 23.33 34.65 -33.26
CA GLU D 314 22.70 35.26 -32.10
C GLU D 314 22.93 34.37 -30.89
N SER D 315 22.54 33.10 -30.99
CA SER D 315 22.71 32.12 -29.95
C SER D 315 24.07 32.23 -29.26
N VAL D 316 25.13 32.54 -29.99
CA VAL D 316 26.42 32.72 -29.33
C VAL D 316 26.44 34.05 -28.58
N LYS D 317 25.97 35.13 -29.21
CA LYS D 317 25.90 36.42 -28.53
C LYS D 317 25.06 36.32 -27.25
N LEU D 318 23.94 35.60 -27.32
CA LEU D 318 23.08 35.45 -26.17
C LEU D 318 23.71 34.55 -25.12
N LEU D 319 24.63 33.66 -25.51
CA LEU D 319 25.39 32.85 -24.55
C LEU D 319 26.53 33.66 -23.93
N GLN D 320 27.10 34.61 -24.69
CA GLN D 320 27.97 35.61 -24.09
C GLN D 320 27.27 36.26 -22.92
N LYS D 321 26.11 36.87 -23.21
CA LYS D 321 25.38 37.66 -22.23
C LYS D 321 25.16 36.90 -20.94
N ILE D 322 25.10 35.57 -21.02
CA ILE D 322 24.84 34.78 -19.81
C ILE D 322 26.12 34.52 -19.05
N LEU D 323 27.24 34.28 -19.76
CA LEU D 323 28.51 34.07 -19.07
C LEU D 323 28.98 35.34 -18.37
N GLU D 324 28.58 36.51 -18.89
CA GLU D 324 28.75 37.77 -18.18
C GLU D 324 27.80 37.89 -16.98
N GLU D 325 26.53 38.21 -17.26
CA GLU D 325 25.59 38.66 -16.24
C GLU D 325 25.46 37.67 -15.08
N ASP D 326 25.82 36.40 -15.28
CA ASP D 326 25.91 35.35 -14.27
C ASP D 326 27.31 34.75 -14.43
N GLU D 327 27.84 34.18 -13.37
CA GLU D 327 29.23 33.77 -13.36
C GLU D 327 29.36 32.27 -13.27
N ARG D 328 28.49 31.65 -12.48
CA ARG D 328 28.29 30.22 -12.29
C ARG D 328 28.70 29.33 -13.46
N LYS D 329 28.66 28.02 -13.24
CA LYS D 329 29.07 27.03 -14.23
C LYS D 329 27.86 26.28 -14.78
N ILE D 330 27.87 26.06 -16.12
CA ILE D 330 26.73 25.54 -16.86
C ILE D 330 26.72 24.03 -16.75
N ARG D 331 25.52 23.47 -16.67
CA ARG D 331 25.29 22.02 -16.64
C ARG D 331 24.42 21.57 -17.79
N ARG D 332 23.31 22.25 -18.03
CA ARG D 332 22.44 21.97 -19.17
C ARG D 332 22.39 23.22 -20.03
N ILE D 333 22.62 23.07 -21.34
CA ILE D 333 22.63 24.21 -22.26
C ILE D 333 21.76 23.91 -23.48
N GLY D 334 20.77 24.75 -23.71
CA GLY D 334 19.84 24.55 -24.80
C GLY D 334 19.42 25.84 -25.45
N VAL D 335 18.46 25.75 -26.38
CA VAL D 335 17.79 26.89 -27.00
C VAL D 335 16.29 26.62 -27.09
N ALA D 336 15.58 27.60 -27.63
CA ALA D 336 14.14 27.57 -27.75
C ALA D 336 13.72 28.75 -28.61
N PHE D 337 13.20 28.44 -29.77
CA PHE D 337 12.66 29.37 -30.72
C PHE D 337 11.17 29.55 -30.49
N SER D 338 10.69 30.75 -30.74
CA SER D 338 9.32 31.09 -30.49
C SER D 338 8.92 32.16 -31.48
N LYS D 339 7.64 32.56 -31.40
CA LYS D 339 7.13 33.66 -32.21
C LYS D 339 7.28 33.31 -33.70
N PHE D 340 6.55 32.28 -34.08
CA PHE D 340 6.66 31.76 -35.43
C PHE D 340 6.02 32.75 -36.43
N ILE D 341 6.00 32.36 -37.72
CA ILE D 341 5.39 33.18 -38.76
C ILE D 341 3.85 32.96 -38.83
#